data_6N0R
#
_entry.id   6N0R
#
_cell.length_a   50.043
_cell.length_b   105.399
_cell.length_c   193.590
_cell.angle_alpha   90.00
_cell.angle_beta   90.00
_cell.angle_gamma   90.00
#
_symmetry.space_group_name_H-M   'P 21 21 21'
#
loop_
_entity.id
_entity.type
_entity.pdbx_description
1 polymer 'Tyrosyl-DNA phosphodiesterase 1'
2 non-polymer '4-(methylamino)benzene-1,2-dicarboxylic acid'
3 non-polymer 1,2-ETHANEDIOL
4 non-polymer 'DIMETHYL SULFOXIDE'
5 water water
#
_entity_poly.entity_id   1
_entity_poly.type   'polypeptide(L)'
_entity_poly.pdbx_seq_one_letter_code
;SGEGQDIWDMLDKGNPFQFYLTRVSGVKPKYNSGALHIKDILSPLFGTLVSSAQFNYCFDVDWLVKQYPPEFRKKPILLV
HGDKREAKAHLHAQAKPYENISLCQAKLDIAFGTHHTKMMLLLYEEGLRVVIHTSNLIHADWHQKTQGIWLSPLYPRIAD
GTHKSGESPTHFKADLISYLMAYNAPSLKEWIDVIHKHDLSETNVYLIGSTPGRFQGSQKDNWGHFRLKKLLKDHASSMP
NAESWPVVGQFSSVGSLGADESKWLCSEFKESMLTLGKESKTPGKSSVPLYLIYPSVENVRTSLEGYPAGGSLPYSIQTA
EKQNWLHSYFHKWSAETSGRSNAMPHIKTYMRPSPDFSKIAWFLVTSANLSKAAWGALEKNGTQLMIRSYELGVLFLPSA
FGLDSFKVKQKFFAGSQEPMATFPVPYDLPPELYGSKDRPWIWNIPYVKAPDTHGNMWVPS
;
_entity_poly.pdbx_strand_id   A,B
#
loop_
_chem_comp.id
_chem_comp.type
_chem_comp.name
_chem_comp.formula
DMS non-polymer 'DIMETHYL SULFOXIDE' 'C2 H6 O S'
EDO non-polymer 1,2-ETHANEDIOL 'C2 H6 O2'
K8D non-polymer '4-(methylamino)benzene-1,2-dicarboxylic acid' 'C9 H9 N O4'
#
# COMPACT_ATOMS: atom_id res chain seq x y z
N ASN A 15 -11.09 -1.61 -21.61
CA ASN A 15 -10.37 -0.57 -20.89
C ASN A 15 -10.28 -0.88 -19.41
N PRO A 16 -9.10 -0.69 -18.81
CA PRO A 16 -8.97 -0.90 -17.37
C PRO A 16 -9.43 0.27 -16.52
N PHE A 17 -9.76 1.42 -17.13
CA PHE A 17 -9.92 2.60 -16.32
C PHE A 17 -11.34 2.79 -15.79
N GLN A 18 -12.36 2.34 -16.52
CA GLN A 18 -13.75 2.44 -16.08
C GLN A 18 -14.13 3.88 -15.73
N PHE A 19 -13.66 4.80 -16.57
CA PHE A 19 -13.99 6.21 -16.48
C PHE A 19 -14.98 6.51 -17.60
N TYR A 20 -16.16 7.03 -17.24
CA TYR A 20 -17.25 7.26 -18.17
C TYR A 20 -17.71 8.71 -18.11
N LEU A 21 -18.35 9.15 -19.18
CA LEU A 21 -19.12 10.38 -19.16
C LEU A 21 -20.60 10.04 -19.10
N THR A 22 -21.38 10.99 -18.59
CA THR A 22 -22.83 10.85 -18.64
C THR A 22 -23.35 11.08 -20.06
N ARG A 23 -24.52 10.50 -20.34
CA ARG A 23 -25.19 10.70 -21.61
C ARG A 23 -25.59 12.17 -21.79
N VAL A 24 -25.45 12.67 -23.01
CA VAL A 24 -25.84 14.04 -23.35
C VAL A 24 -26.97 13.99 -24.38
N SER A 25 -28.11 14.55 -24.01
N SER A 25 -28.12 14.55 -24.01
CA SER A 25 -29.25 14.60 -24.93
CA SER A 25 -29.25 14.60 -24.93
C SER A 25 -28.99 15.58 -26.06
C SER A 25 -28.97 15.58 -26.06
N GLY A 26 -29.02 15.09 -27.30
CA GLY A 26 -28.93 15.92 -28.48
C GLY A 26 -27.67 15.74 -29.31
N VAL A 27 -26.65 15.07 -28.77
CA VAL A 27 -25.48 14.77 -29.57
C VAL A 27 -25.72 13.49 -30.37
N LYS A 28 -24.90 13.28 -31.40
CA LYS A 28 -25.05 12.10 -32.24
C LYS A 28 -24.78 10.84 -31.43
N PRO A 29 -25.42 9.72 -31.80
CA PRO A 29 -25.27 8.48 -31.02
C PRO A 29 -23.83 8.04 -30.80
N LYS A 30 -22.92 8.29 -31.75
CA LYS A 30 -21.53 7.89 -31.55
C LYS A 30 -20.91 8.55 -30.33
N TYR A 31 -21.44 9.68 -29.89
CA TYR A 31 -20.93 10.37 -28.71
C TYR A 31 -21.65 9.95 -27.43
N ASN A 32 -22.63 9.04 -27.50
CA ASN A 32 -23.23 8.47 -26.32
C ASN A 32 -23.03 6.97 -26.21
N SER A 33 -22.48 6.33 -27.24
CA SER A 33 -22.14 4.92 -27.15
C SER A 33 -20.91 4.79 -26.26
N GLY A 34 -21.10 4.23 -25.08
CA GLY A 34 -20.07 4.22 -24.09
C GLY A 34 -20.26 5.25 -23.00
N ALA A 35 -21.26 6.11 -23.11
CA ALA A 35 -21.64 6.96 -21.99
C ALA A 35 -22.69 6.25 -21.16
N LEU A 36 -22.90 6.74 -19.92
CA LEU A 36 -23.83 6.13 -18.99
C LEU A 36 -24.83 7.15 -18.47
N HIS A 37 -26.11 6.79 -18.53
CA HIS A 37 -27.14 7.50 -17.80
C HIS A 37 -27.34 6.87 -16.42
N ILE A 38 -27.95 7.62 -15.51
CA ILE A 38 -28.19 7.08 -14.17
C ILE A 38 -29.06 5.83 -14.23
N LYS A 39 -30.02 5.77 -15.17
CA LYS A 39 -30.82 4.55 -15.32
C LYS A 39 -29.98 3.35 -15.70
N ASP A 40 -28.89 3.56 -16.46
CA ASP A 40 -27.98 2.46 -16.78
C ASP A 40 -27.23 1.98 -15.54
N ILE A 41 -26.74 2.92 -14.73
CA ILE A 41 -25.99 2.56 -13.52
C ILE A 41 -26.83 1.72 -12.57
N LEU A 42 -28.11 2.05 -12.43
CA LEU A 42 -28.99 1.40 -11.48
C LEU A 42 -29.70 0.18 -12.07
N SER A 43 -29.42 -0.13 -13.34
CA SER A 43 -30.10 -1.20 -14.05
C SER A 43 -29.85 -2.56 -13.37
N PRO A 44 -30.79 -3.50 -13.51
N PRO A 44 -30.79 -3.50 -13.50
CA PRO A 44 -30.54 -4.86 -12.99
CA PRO A 44 -30.54 -4.85 -12.99
C PRO A 44 -29.35 -5.53 -13.65
C PRO A 44 -29.36 -5.53 -13.65
N LEU A 45 -28.95 -5.09 -14.84
CA LEU A 45 -27.75 -5.63 -15.47
C LEU A 45 -26.49 -5.38 -14.66
N PHE A 46 -26.45 -4.33 -13.83
CA PHE A 46 -25.29 -4.05 -12.99
C PHE A 46 -25.31 -4.82 -11.68
N GLY A 47 -26.44 -5.41 -11.31
CA GLY A 47 -26.56 -6.17 -10.09
C GLY A 47 -27.98 -6.14 -9.56
N THR A 48 -28.30 -7.08 -8.68
CA THR A 48 -29.64 -7.19 -8.10
C THR A 48 -29.63 -6.40 -6.79
N LEU A 49 -30.21 -5.20 -6.83
CA LEU A 49 -30.10 -4.26 -5.72
C LEU A 49 -30.78 -4.77 -4.46
N VAL A 50 -30.08 -4.62 -3.34
CA VAL A 50 -30.63 -4.88 -2.02
C VAL A 50 -30.79 -3.59 -1.22
N SER A 51 -29.85 -2.66 -1.36
N SER A 51 -29.85 -2.66 -1.36
CA SER A 51 -29.94 -1.36 -0.70
CA SER A 51 -29.80 -1.41 -0.60
C SER A 51 -28.88 -0.46 -1.34
C SER A 51 -28.84 -0.47 -1.31
N SER A 52 -29.05 0.84 -1.13
CA SER A 52 -28.14 1.80 -1.72
C SER A 52 -27.99 3.03 -0.83
N ALA A 53 -26.85 3.70 -0.96
CA ALA A 53 -26.59 4.98 -0.33
C ALA A 53 -26.24 5.98 -1.42
N GLN A 54 -26.88 7.15 -1.38
CA GLN A 54 -26.65 8.24 -2.33
C GLN A 54 -26.06 9.42 -1.57
N PHE A 55 -24.75 9.65 -1.75
CA PHE A 55 -24.07 10.83 -1.21
C PHE A 55 -24.19 11.93 -2.24
N ASN A 56 -24.65 13.10 -1.83
CA ASN A 56 -24.72 14.18 -2.82
C ASN A 56 -24.92 15.53 -2.14
N TYR A 57 -25.04 16.56 -2.97
CA TYR A 57 -25.32 17.91 -2.53
C TYR A 57 -26.79 18.27 -2.67
N CYS A 58 -27.35 18.16 -3.87
N CYS A 58 -27.34 18.10 -3.89
CA CYS A 58 -28.77 18.44 -3.99
CA CYS A 58 -28.71 18.47 -4.23
C CYS A 58 -29.48 17.28 -4.66
C CYS A 58 -29.47 17.23 -4.69
N PHE A 59 -30.74 17.12 -4.27
CA PHE A 59 -31.57 15.96 -4.58
C PHE A 59 -32.95 16.40 -5.07
N ASP A 60 -33.44 15.74 -6.10
CA ASP A 60 -34.86 15.76 -6.45
C ASP A 60 -35.34 14.34 -6.18
N VAL A 61 -36.00 14.15 -5.04
CA VAL A 61 -36.25 12.78 -4.58
C VAL A 61 -37.24 12.08 -5.50
N ASP A 62 -38.30 12.78 -5.91
N ASP A 62 -38.30 12.78 -5.92
CA ASP A 62 -39.26 12.20 -6.85
CA ASP A 62 -39.26 12.20 -6.86
C ASP A 62 -38.54 11.70 -8.10
C ASP A 62 -38.56 11.72 -8.12
N TRP A 63 -37.69 12.55 -8.69
CA TRP A 63 -36.92 12.16 -9.86
C TRP A 63 -36.00 10.99 -9.55
N LEU A 64 -35.30 11.03 -8.41
CA LEU A 64 -34.30 10.01 -8.11
C LEU A 64 -34.93 8.62 -8.04
N VAL A 65 -36.07 8.50 -7.34
CA VAL A 65 -36.69 7.19 -7.19
C VAL A 65 -37.11 6.63 -8.56
N LYS A 66 -37.57 7.49 -9.46
CA LYS A 66 -37.92 7.03 -10.80
C LYS A 66 -36.73 6.55 -11.60
N GLN A 67 -35.49 6.86 -11.20
CA GLN A 67 -34.33 6.37 -11.93
C GLN A 67 -33.98 4.94 -11.57
N TYR A 68 -34.45 4.47 -10.44
CA TYR A 68 -34.28 3.07 -10.08
C TYR A 68 -35.23 2.21 -10.89
N PRO A 69 -34.84 0.97 -11.22
CA PRO A 69 -35.78 0.05 -11.86
C PRO A 69 -37.02 -0.14 -11.01
N PRO A 70 -38.20 -0.25 -11.62
CA PRO A 70 -39.43 -0.35 -10.81
C PRO A 70 -39.38 -1.46 -9.77
N GLU A 71 -38.75 -2.59 -10.09
CA GLU A 71 -38.66 -3.69 -9.14
C GLU A 71 -37.75 -3.39 -7.96
N PHE A 72 -36.91 -2.35 -8.05
CA PHE A 72 -36.00 -1.99 -6.96
C PHE A 72 -36.40 -0.73 -6.22
N ARG A 73 -37.53 -0.10 -6.58
CA ARG A 73 -37.84 1.23 -6.05
C ARG A 73 -38.22 1.23 -4.59
N LYS A 74 -38.52 0.08 -3.98
CA LYS A 74 -38.84 0.03 -2.57
C LYS A 74 -37.69 -0.47 -1.71
N LYS A 75 -36.54 -0.77 -2.31
CA LYS A 75 -35.37 -1.15 -1.53
C LYS A 75 -34.88 0.06 -0.72
N PRO A 76 -34.27 -0.17 0.45
CA PRO A 76 -33.79 0.94 1.27
C PRO A 76 -32.82 1.85 0.53
N ILE A 77 -33.02 3.16 0.68
CA ILE A 77 -32.13 4.19 0.14
C ILE A 77 -31.75 5.12 1.29
N LEU A 78 -30.45 5.38 1.43
CA LEU A 78 -29.95 6.36 2.38
C LEU A 78 -29.48 7.58 1.59
N LEU A 79 -29.98 8.77 1.93
CA LEU A 79 -29.50 10.01 1.33
C LEU A 79 -28.54 10.70 2.30
N VAL A 80 -27.29 10.90 1.89
CA VAL A 80 -26.27 11.55 2.71
C VAL A 80 -26.09 12.97 2.17
N HIS A 81 -26.39 13.97 3.00
CA HIS A 81 -26.49 15.36 2.58
C HIS A 81 -25.90 16.26 3.66
N GLY A 82 -25.79 17.55 3.36
CA GLY A 82 -25.28 18.50 4.35
C GLY A 82 -26.24 19.62 4.73
N ASP A 83 -27.52 19.48 4.39
CA ASP A 83 -28.48 20.57 4.59
C ASP A 83 -28.81 20.80 6.07
N LYS A 84 -29.07 22.05 6.40
CA LYS A 84 -29.44 22.47 7.74
C LYS A 84 -30.73 23.28 7.68
N ARG A 85 -31.36 23.43 8.85
CA ARG A 85 -32.45 24.40 9.06
C ARG A 85 -33.56 24.17 8.03
N GLU A 86 -34.01 25.21 7.32
CA GLU A 86 -35.14 25.05 6.41
C GLU A 86 -34.80 24.18 5.22
N ALA A 87 -33.55 24.24 4.74
CA ALA A 87 -33.12 23.37 3.67
C ALA A 87 -33.23 21.90 4.09
N LYS A 88 -32.80 21.58 5.31
CA LYS A 88 -32.95 20.22 5.80
C LYS A 88 -34.43 19.84 5.90
N ALA A 89 -35.26 20.76 6.39
CA ALA A 89 -36.69 20.49 6.47
C ALA A 89 -37.27 20.18 5.10
N HIS A 90 -36.84 20.94 4.07
CA HIS A 90 -37.35 20.72 2.72
C HIS A 90 -36.97 19.33 2.20
N LEU A 91 -35.75 18.89 2.48
CA LEU A 91 -35.33 17.58 1.99
C LEU A 91 -36.11 16.47 2.69
N HIS A 92 -36.29 16.57 3.99
CA HIS A 92 -37.10 15.59 4.70
C HIS A 92 -38.52 15.55 4.14
N ALA A 93 -39.08 16.71 3.81
CA ALA A 93 -40.42 16.73 3.23
C ALA A 93 -40.45 16.04 1.88
N GLN A 94 -39.37 16.15 1.10
CA GLN A 94 -39.28 15.46 -0.19
C GLN A 94 -39.31 13.95 -0.04
N ALA A 95 -38.67 13.46 1.01
CA ALA A 95 -38.49 12.02 1.19
C ALA A 95 -39.61 11.38 1.98
N LYS A 96 -40.36 12.16 2.77
CA LYS A 96 -41.42 11.60 3.61
C LYS A 96 -42.41 10.71 2.87
N PRO A 97 -42.80 10.97 1.61
CA PRO A 97 -43.69 10.02 0.91
C PRO A 97 -43.13 8.63 0.71
N TYR A 98 -41.82 8.43 0.85
CA TYR A 98 -41.15 7.17 0.55
C TYR A 98 -40.65 6.56 1.86
N GLU A 99 -41.37 5.55 2.37
CA GLU A 99 -41.05 4.96 3.66
C GLU A 99 -39.68 4.28 3.68
N ASN A 100 -39.14 3.94 2.52
CA ASN A 100 -37.87 3.24 2.41
C ASN A 100 -36.66 4.18 2.38
N ILE A 101 -36.87 5.50 2.43
CA ILE A 101 -35.77 6.45 2.35
C ILE A 101 -35.43 6.95 3.74
N SER A 102 -34.16 6.81 4.11
N SER A 102 -34.16 6.82 4.11
CA SER A 102 -33.58 7.38 5.32
CA SER A 102 -33.62 7.41 5.33
C SER A 102 -32.61 8.49 4.95
C SER A 102 -32.60 8.48 4.96
N LEU A 103 -32.32 9.36 5.92
CA LEU A 103 -31.44 10.50 5.69
C LEU A 103 -30.34 10.53 6.73
N CYS A 104 -29.16 10.99 6.29
CA CYS A 104 -28.00 11.22 7.14
C CYS A 104 -27.49 12.62 6.89
N GLN A 105 -27.56 13.46 7.92
CA GLN A 105 -27.05 14.83 7.82
C GLN A 105 -25.58 14.83 8.21
N ALA A 106 -24.72 15.09 7.24
CA ALA A 106 -23.28 15.15 7.50
C ALA A 106 -22.96 16.41 8.27
N LYS A 107 -22.17 16.27 9.35
CA LYS A 107 -21.85 17.43 10.17
C LYS A 107 -20.93 18.38 9.41
N LEU A 108 -21.24 19.67 9.50
CA LEU A 108 -20.47 20.74 8.86
C LEU A 108 -20.16 21.77 9.96
N ASP A 109 -19.20 21.43 10.80
CA ASP A 109 -18.89 22.22 11.99
C ASP A 109 -18.01 23.43 11.70
N ILE A 110 -17.48 23.56 10.48
CA ILE A 110 -16.71 24.72 10.08
C ILE A 110 -17.57 25.56 9.14
N ALA A 111 -17.59 26.87 9.35
CA ALA A 111 -18.44 27.75 8.56
C ALA A 111 -18.10 27.66 7.08
N PHE A 112 -19.13 27.87 6.25
CA PHE A 112 -19.05 27.94 4.80
C PHE A 112 -18.59 26.63 4.16
N GLY A 113 -18.83 25.51 4.83
CA GLY A 113 -18.56 24.21 4.25
C GLY A 113 -19.79 23.62 3.59
N THR A 114 -19.57 22.67 2.69
N THR A 114 -19.54 22.61 2.75
CA THR A 114 -20.69 21.98 2.08
CA THR A 114 -20.54 21.99 1.88
C THR A 114 -20.38 20.49 2.05
C THR A 114 -20.34 20.49 1.86
N HIS A 115 -21.43 19.71 1.86
CA HIS A 115 -21.31 18.28 1.59
C HIS A 115 -21.38 18.12 0.07
N HIS A 116 -20.22 18.08 -0.55
CA HIS A 116 -20.13 18.15 -2.00
C HIS A 116 -19.90 16.79 -2.67
N THR A 117 -19.43 15.80 -1.91
CA THR A 117 -19.18 14.44 -2.41
C THR A 117 -20.38 13.85 -3.15
N LYS A 118 -20.10 13.25 -4.31
CA LYS A 118 -21.10 12.55 -5.10
C LYS A 118 -20.66 11.11 -5.27
N MET A 119 -21.39 10.21 -4.61
CA MET A 119 -20.99 8.81 -4.53
C MET A 119 -22.24 7.96 -4.37
N MET A 120 -22.25 6.81 -5.02
CA MET A 120 -23.25 5.77 -4.78
C MET A 120 -22.59 4.54 -4.19
N LEU A 121 -23.16 4.01 -3.12
CA LEU A 121 -22.81 2.68 -2.63
C LEU A 121 -23.98 1.77 -2.98
N LEU A 122 -23.71 0.72 -3.74
CA LEU A 122 -24.77 -0.12 -4.29
C LEU A 122 -24.52 -1.54 -3.79
N LEU A 123 -25.37 -2.00 -2.86
CA LEU A 123 -25.27 -3.36 -2.34
C LEU A 123 -26.19 -4.28 -3.11
N TYR A 124 -25.62 -5.37 -3.63
CA TYR A 124 -26.37 -6.33 -4.45
C TYR A 124 -26.40 -7.69 -3.79
N GLU A 125 -27.27 -8.55 -4.33
CA GLU A 125 -27.21 -9.96 -3.97
C GLU A 125 -25.87 -10.57 -4.35
N GLU A 126 -25.25 -10.05 -5.40
CA GLU A 126 -24.02 -10.59 -5.98
C GLU A 126 -22.75 -9.95 -5.45
N GLY A 127 -22.85 -8.87 -4.69
CA GLY A 127 -21.63 -8.20 -4.27
C GLY A 127 -21.91 -6.74 -3.97
N LEU A 128 -20.89 -5.90 -4.16
CA LEU A 128 -20.97 -4.49 -3.85
C LEU A 128 -20.34 -3.68 -4.96
N ARG A 129 -20.91 -2.50 -5.26
CA ARG A 129 -20.29 -1.58 -6.21
C ARG A 129 -20.21 -0.19 -5.60
N VAL A 130 -19.13 0.53 -5.92
CA VAL A 130 -18.92 1.92 -5.54
C VAL A 130 -18.89 2.75 -6.82
N VAL A 131 -19.64 3.85 -6.85
CA VAL A 131 -19.66 4.77 -7.99
C VAL A 131 -19.27 6.13 -7.45
N ILE A 132 -18.19 6.71 -7.96
CA ILE A 132 -17.79 8.05 -7.55
C ILE A 132 -17.91 8.94 -8.78
N HIS A 133 -18.67 10.03 -8.66
CA HIS A 133 -19.06 10.77 -9.87
C HIS A 133 -19.18 12.26 -9.55
N THR A 134 -19.75 13.03 -10.49
CA THR A 134 -19.77 14.48 -10.33
C THR A 134 -21.15 15.12 -10.43
N SER A 135 -22.23 14.34 -10.59
CA SER A 135 -23.55 14.92 -10.85
C SER A 135 -24.41 14.97 -9.61
N ASN A 136 -25.15 16.07 -9.46
CA ASN A 136 -26.25 16.13 -8.52
C ASN A 136 -27.37 15.19 -8.97
N LEU A 137 -28.25 14.85 -8.02
CA LEU A 137 -29.36 13.93 -8.32
C LEU A 137 -30.63 14.72 -8.69
N ILE A 138 -30.50 15.44 -9.80
CA ILE A 138 -31.56 16.24 -10.40
C ILE A 138 -31.48 16.03 -11.90
N HIS A 139 -32.62 16.21 -12.58
CA HIS A 139 -32.71 15.93 -14.01
C HIS A 139 -31.67 16.69 -14.81
N ALA A 140 -31.51 17.99 -14.54
CA ALA A 140 -30.64 18.83 -15.36
C ALA A 140 -29.19 18.38 -15.32
N ASP A 141 -28.74 17.78 -14.23
CA ASP A 141 -27.32 17.42 -14.16
C ASP A 141 -26.98 16.22 -15.04
N TRP A 142 -27.97 15.45 -15.47
CA TRP A 142 -27.74 14.27 -16.31
C TRP A 142 -28.26 14.49 -17.72
N HIS A 143 -28.66 15.71 -18.05
CA HIS A 143 -29.34 15.97 -19.32
C HIS A 143 -28.36 16.45 -20.39
N GLN A 144 -27.79 17.65 -20.23
CA GLN A 144 -26.93 18.17 -21.29
C GLN A 144 -25.61 18.73 -20.74
N LYS A 145 -25.08 18.14 -19.67
CA LYS A 145 -23.81 18.56 -19.09
C LYS A 145 -22.74 17.52 -19.36
N THR A 146 -21.48 17.96 -19.29
CA THR A 146 -20.36 17.03 -19.26
C THR A 146 -20.09 16.68 -17.80
N GLN A 147 -20.29 15.40 -17.45
CA GLN A 147 -20.12 14.90 -16.10
C GLN A 147 -19.27 13.64 -16.16
N GLY A 148 -18.54 13.36 -15.07
CA GLY A 148 -17.67 12.19 -15.01
C GLY A 148 -18.12 11.14 -14.01
N ILE A 149 -17.85 9.87 -14.32
CA ILE A 149 -18.21 8.71 -13.50
C ILE A 149 -17.02 7.77 -13.43
N TRP A 150 -16.68 7.30 -12.23
CA TRP A 150 -15.83 6.12 -12.06
C TRP A 150 -16.69 4.98 -11.54
N LEU A 151 -16.64 3.82 -12.21
CA LEU A 151 -17.39 2.64 -11.82
C LEU A 151 -16.44 1.61 -11.25
N SER A 152 -16.62 1.23 -9.99
CA SER A 152 -15.79 0.16 -9.43
C SER A 152 -16.14 -1.18 -10.08
N PRO A 153 -15.26 -2.17 -9.93
CA PRO A 153 -15.64 -3.55 -10.23
C PRO A 153 -16.76 -4.00 -9.32
N LEU A 154 -17.40 -5.11 -9.69
CA LEU A 154 -18.29 -5.80 -8.78
C LEU A 154 -17.43 -6.50 -7.72
N TYR A 155 -17.54 -6.04 -6.48
CA TYR A 155 -16.73 -6.59 -5.40
C TYR A 155 -17.46 -7.77 -4.79
N PRO A 156 -16.89 -8.98 -4.81
CA PRO A 156 -17.59 -10.12 -4.22
C PRO A 156 -17.52 -10.08 -2.70
N ARG A 157 -18.46 -10.77 -2.08
CA ARG A 157 -18.48 -10.89 -0.62
C ARG A 157 -17.40 -11.87 -0.16
N ILE A 158 -16.78 -11.57 0.98
CA ILE A 158 -15.84 -12.50 1.60
C ILE A 158 -16.66 -13.55 2.34
N ALA A 159 -16.33 -14.82 2.12
CA ALA A 159 -17.06 -15.91 2.74
C ALA A 159 -17.00 -15.80 4.26
N ASP A 160 -18.15 -15.98 4.89
CA ASP A 160 -18.20 -15.93 6.35
C ASP A 160 -17.32 -17.04 6.92
N GLY A 161 -16.48 -16.68 7.89
CA GLY A 161 -15.46 -17.57 8.39
C GLY A 161 -14.09 -17.41 7.74
N THR A 162 -14.04 -16.92 6.50
CA THR A 162 -12.77 -16.63 5.84
C THR A 162 -12.19 -15.33 6.40
N HIS A 163 -10.89 -15.35 6.68
CA HIS A 163 -10.18 -14.18 7.18
C HIS A 163 -9.20 -13.71 6.09
N LYS A 164 -9.57 -12.64 5.40
CA LYS A 164 -8.66 -11.98 4.46
C LYS A 164 -8.93 -10.49 4.51
N SER A 165 -7.97 -9.72 4.00
CA SER A 165 -8.11 -8.27 4.09
C SER A 165 -9.10 -7.74 3.08
N GLY A 166 -9.16 -8.33 1.89
CA GLY A 166 -9.90 -7.73 0.80
C GLY A 166 -9.35 -6.41 0.33
N GLU A 167 -8.08 -6.13 0.62
CA GLU A 167 -7.47 -4.84 0.33
C GLU A 167 -6.77 -4.86 -1.03
N SER A 168 -6.75 -3.69 -1.67
N SER A 168 -6.75 -3.69 -1.67
CA SER A 168 -6.10 -3.51 -2.96
CA SER A 168 -6.12 -3.48 -2.96
C SER A 168 -4.70 -2.96 -2.76
C SER A 168 -4.72 -2.90 -2.78
N PRO A 169 -3.84 -3.02 -3.79
CA PRO A 169 -2.53 -2.38 -3.69
C PRO A 169 -2.61 -0.87 -3.52
N THR A 170 -3.76 -0.26 -3.84
CA THR A 170 -3.91 1.18 -3.66
C THR A 170 -4.51 1.55 -2.31
N HIS A 171 -4.78 0.56 -1.45
CA HIS A 171 -5.33 0.77 -0.10
C HIS A 171 -6.73 1.34 -0.15
N PHE A 172 -7.46 1.12 -1.23
CA PHE A 172 -8.76 1.76 -1.43
C PHE A 172 -9.76 1.34 -0.35
N LYS A 173 -9.76 0.07 0.06
CA LYS A 173 -10.74 -0.37 1.06
C LYS A 173 -10.58 0.37 2.38
N ALA A 174 -9.37 0.36 2.95
CA ALA A 174 -9.13 1.09 4.18
C ALA A 174 -9.39 2.59 4.00
N ASP A 175 -9.02 3.13 2.83
CA ASP A 175 -9.17 4.56 2.64
C ASP A 175 -10.65 4.96 2.54
N LEU A 176 -11.48 4.13 1.88
CA LEU A 176 -12.90 4.41 1.83
C LEU A 176 -13.54 4.29 3.21
N ILE A 177 -13.12 3.29 3.98
CA ILE A 177 -13.64 3.17 5.35
C ILE A 177 -13.24 4.38 6.17
N SER A 178 -12.00 4.85 6.00
N SER A 178 -12.00 4.85 6.01
CA SER A 178 -11.53 6.03 6.73
CA SER A 178 -11.56 6.03 6.76
C SER A 178 -12.37 7.26 6.38
C SER A 178 -12.38 7.27 6.38
N TYR A 179 -12.67 7.43 5.08
CA TYR A 179 -13.51 8.55 4.65
C TYR A 179 -14.89 8.47 5.31
N LEU A 180 -15.50 7.28 5.35
CA LEU A 180 -16.82 7.17 5.95
C LEU A 180 -16.77 7.33 7.47
N MET A 181 -15.68 6.88 8.10
N MET A 181 -15.68 6.88 8.10
CA MET A 181 -15.56 7.00 9.55
CA MET A 181 -15.56 7.00 9.55
C MET A 181 -15.58 8.44 9.99
C MET A 181 -15.58 8.45 10.00
N ALA A 182 -15.10 9.35 9.15
CA ALA A 182 -15.02 10.76 9.52
C ALA A 182 -16.39 11.38 9.73
N TYR A 183 -17.44 10.80 9.16
CA TYR A 183 -18.80 11.33 9.38
C TYR A 183 -19.29 11.08 10.80
N ASN A 184 -18.80 10.04 11.45
CA ASN A 184 -19.21 9.67 12.81
C ASN A 184 -20.73 9.46 12.88
N ALA A 185 -21.28 8.75 11.89
CA ALA A 185 -22.73 8.62 11.68
C ALA A 185 -23.17 7.17 11.76
N PRO A 186 -24.24 6.84 12.50
CA PRO A 186 -24.62 5.42 12.63
C PRO A 186 -25.05 4.77 11.33
N SER A 187 -25.73 5.51 10.45
CA SER A 187 -26.15 4.95 9.18
C SER A 187 -24.94 4.60 8.33
N LEU A 188 -23.83 5.33 8.49
CA LEU A 188 -22.64 5.03 7.70
C LEU A 188 -21.77 3.97 8.35
N LYS A 189 -21.86 3.79 9.67
CA LYS A 189 -21.20 2.63 10.24
C LYS A 189 -21.78 1.33 9.68
N GLU A 190 -23.09 1.32 9.38
CA GLU A 190 -23.68 0.15 8.74
C GLU A 190 -23.01 -0.12 7.40
N TRP A 191 -22.76 0.93 6.62
CA TRP A 191 -22.12 0.74 5.32
C TRP A 191 -20.64 0.39 5.47
N ILE A 192 -19.98 0.89 6.52
CA ILE A 192 -18.62 0.47 6.83
C ILE A 192 -18.57 -1.04 7.06
N ASP A 193 -19.55 -1.56 7.80
CA ASP A 193 -19.56 -3.00 8.05
C ASP A 193 -19.83 -3.80 6.79
N VAL A 194 -20.67 -3.26 5.89
CA VAL A 194 -20.85 -3.86 4.57
C VAL A 194 -19.53 -3.91 3.82
N ILE A 195 -18.81 -2.78 3.77
CA ILE A 195 -17.56 -2.76 3.02
C ILE A 195 -16.55 -3.75 3.60
N HIS A 196 -16.47 -3.83 4.94
CA HIS A 196 -15.58 -4.79 5.59
C HIS A 196 -15.80 -6.22 5.08
N LYS A 197 -17.05 -6.58 4.79
CA LYS A 197 -17.36 -7.95 4.37
C LYS A 197 -17.12 -8.20 2.89
N HIS A 198 -16.61 -7.22 2.11
CA HIS A 198 -16.42 -7.44 0.69
C HIS A 198 -14.94 -7.34 0.30
N ASP A 199 -14.61 -7.94 -0.84
CA ASP A 199 -13.25 -8.02 -1.34
C ASP A 199 -13.07 -6.93 -2.39
N LEU A 200 -12.32 -5.88 -2.04
CA LEU A 200 -12.07 -4.75 -2.94
C LEU A 200 -10.67 -4.79 -3.55
N SER A 201 -10.05 -5.96 -3.56
CA SER A 201 -8.64 -6.07 -3.95
C SER A 201 -8.38 -5.75 -5.42
N GLU A 202 -9.38 -5.82 -6.31
CA GLU A 202 -9.15 -5.50 -7.71
C GLU A 202 -9.07 -4.00 -7.98
N THR A 203 -9.29 -3.14 -6.98
CA THR A 203 -9.34 -1.70 -7.23
C THR A 203 -7.97 -1.15 -7.60
N ASN A 204 -7.91 -0.40 -8.73
N ASN A 204 -7.90 -0.42 -8.72
CA ASN A 204 -6.65 0.12 -9.24
CA ASN A 204 -6.63 0.14 -9.17
C ASN A 204 -6.54 1.64 -9.14
C ASN A 204 -6.71 1.65 -9.33
N VAL A 205 -7.51 2.30 -8.48
CA VAL A 205 -7.46 3.75 -8.27
C VAL A 205 -7.20 4.06 -6.81
N TYR A 206 -6.65 5.26 -6.57
CA TYR A 206 -6.45 5.79 -5.22
C TYR A 206 -7.57 6.76 -4.86
N LEU A 207 -8.06 6.66 -3.63
CA LEU A 207 -9.09 7.57 -3.17
C LEU A 207 -8.47 8.88 -2.69
N ILE A 208 -9.03 10.00 -3.11
CA ILE A 208 -8.63 11.31 -2.58
C ILE A 208 -9.89 11.99 -2.05
N GLY A 209 -9.97 12.09 -0.73
CA GLY A 209 -11.12 12.71 -0.11
C GLY A 209 -10.76 13.98 0.63
N SER A 210 -11.76 14.82 0.83
CA SER A 210 -11.70 15.91 1.79
C SER A 210 -12.81 15.71 2.82
N THR A 211 -12.51 16.05 4.06
N THR A 211 -12.50 16.02 4.07
CA THR A 211 -13.50 16.04 5.13
CA THR A 211 -13.51 16.04 5.13
C THR A 211 -13.23 17.26 5.99
C THR A 211 -13.24 17.28 5.97
N PRO A 212 -14.27 17.85 6.60
CA PRO A 212 -14.05 19.08 7.38
C PRO A 212 -13.19 18.82 8.60
N GLY A 213 -12.28 19.75 8.85
CA GLY A 213 -11.50 19.67 10.07
C GLY A 213 -10.22 20.46 9.99
N ARG A 214 -9.45 20.36 11.06
N ARG A 214 -9.44 20.35 11.05
CA ARG A 214 -8.13 20.98 11.15
CA ARG A 214 -8.12 20.98 11.17
C ARG A 214 -7.14 19.87 11.45
C ARG A 214 -7.12 19.88 11.46
N PHE A 215 -6.26 19.58 10.49
CA PHE A 215 -5.42 18.39 10.52
C PHE A 215 -3.95 18.74 10.71
N GLN A 216 -3.34 18.14 11.73
CA GLN A 216 -1.91 18.32 12.00
C GLN A 216 -1.22 16.97 12.08
N GLY A 217 0.12 17.00 12.01
CA GLY A 217 0.90 15.80 12.29
C GLY A 217 0.62 14.68 11.31
N SER A 218 0.37 13.48 11.85
CA SER A 218 0.13 12.32 11.00
C SER A 218 -1.09 12.51 10.12
N GLN A 219 -2.10 13.22 10.62
CA GLN A 219 -3.35 13.38 9.88
C GLN A 219 -3.26 14.40 8.76
N LYS A 220 -2.18 15.18 8.67
CA LYS A 220 -2.11 16.22 7.67
C LYS A 220 -2.14 15.67 6.25
N ASP A 221 -1.60 14.47 6.03
CA ASP A 221 -1.54 13.86 4.71
C ASP A 221 -2.80 13.07 4.35
N ASN A 222 -3.82 13.07 5.22
CA ASN A 222 -4.98 12.22 4.98
C ASN A 222 -5.93 12.79 3.93
N TRP A 223 -5.95 14.11 3.73
CA TRP A 223 -7.06 14.75 3.02
C TRP A 223 -6.57 15.86 2.10
N GLY A 224 -7.41 16.20 1.13
CA GLY A 224 -7.21 17.41 0.35
C GLY A 224 -5.92 17.42 -0.45
N HIS A 225 -5.34 18.61 -0.62
CA HIS A 225 -4.19 18.65 -1.52
C HIS A 225 -2.95 18.02 -0.91
N PHE A 226 -2.88 17.89 0.42
CA PHE A 226 -1.76 17.16 1.02
C PHE A 226 -1.89 15.66 0.78
N ARG A 227 -3.12 15.15 0.70
CA ARG A 227 -3.32 13.75 0.31
C ARG A 227 -2.81 13.51 -1.10
N LEU A 228 -3.15 14.41 -2.02
CA LEU A 228 -2.65 14.30 -3.40
C LEU A 228 -1.13 14.34 -3.42
N LYS A 229 -0.55 15.31 -2.71
CA LYS A 229 0.91 15.43 -2.64
C LYS A 229 1.56 14.14 -2.13
N LYS A 230 1.01 13.55 -1.07
CA LYS A 230 1.58 12.33 -0.51
C LYS A 230 1.55 11.18 -1.52
N LEU A 231 0.43 11.02 -2.23
CA LEU A 231 0.33 9.95 -3.22
C LEU A 231 1.31 10.15 -4.37
N LEU A 232 1.47 11.40 -4.81
CA LEU A 232 2.38 11.68 -5.92
C LEU A 232 3.84 11.49 -5.50
N LYS A 233 4.15 11.84 -4.26
CA LYS A 233 5.49 11.58 -3.73
C LYS A 233 5.78 10.07 -3.67
N ASP A 234 4.81 9.28 -3.21
CA ASP A 234 5.04 7.86 -2.94
C ASP A 234 4.87 6.96 -4.15
N HIS A 235 4.06 7.36 -5.14
CA HIS A 235 3.65 6.43 -6.18
C HIS A 235 3.80 6.99 -7.59
N ALA A 236 4.46 8.13 -7.74
CA ALA A 236 4.83 8.65 -9.05
C ALA A 236 6.33 8.89 -9.05
N SER A 237 6.91 8.96 -10.26
CA SER A 237 8.34 9.21 -10.40
C SER A 237 8.55 10.51 -11.14
N SER A 238 9.60 11.25 -10.75
CA SER A 238 9.97 12.45 -11.47
C SER A 238 10.73 12.05 -12.73
N MET A 239 10.50 12.80 -13.80
CA MET A 239 11.18 12.60 -15.07
C MET A 239 12.08 13.79 -15.36
N PRO A 240 13.06 13.63 -16.26
CA PRO A 240 13.82 14.81 -16.69
C PRO A 240 12.88 15.79 -17.36
N ASN A 241 13.19 17.08 -17.19
CA ASN A 241 12.39 18.15 -17.76
C ASN A 241 11.00 18.21 -17.13
N ALA A 242 10.87 17.72 -15.88
CA ALA A 242 9.57 17.74 -15.20
C ALA A 242 9.03 19.16 -15.07
N GLU A 243 9.91 20.15 -14.97
CA GLU A 243 9.49 21.55 -14.92
C GLU A 243 8.72 21.96 -16.16
N SER A 244 8.84 21.20 -17.26
CA SER A 244 8.14 21.51 -18.49
C SER A 244 6.77 20.87 -18.59
N TRP A 245 6.46 19.92 -17.70
CA TRP A 245 5.17 19.23 -17.74
C TRP A 245 4.13 20.11 -17.06
N PRO A 246 3.15 20.61 -17.79
CA PRO A 246 2.14 21.48 -17.19
C PRO A 246 1.27 20.77 -16.16
N VAL A 247 0.57 21.60 -15.40
CA VAL A 247 -0.54 21.18 -14.56
C VAL A 247 -1.82 21.74 -15.18
N VAL A 248 -2.85 20.91 -15.30
CA VAL A 248 -4.16 21.34 -15.81
C VAL A 248 -5.20 21.12 -14.72
N GLY A 249 -5.98 22.16 -14.44
CA GLY A 249 -7.13 22.05 -13.55
C GLY A 249 -8.38 22.51 -14.28
N GLN A 250 -9.49 21.81 -14.06
CA GLN A 250 -10.71 22.00 -14.83
C GLN A 250 -11.89 21.83 -13.88
N PHE A 251 -12.76 22.84 -13.80
CA PHE A 251 -13.70 22.94 -12.67
C PHE A 251 -14.91 23.77 -13.07
N SER A 252 -15.95 23.72 -12.21
CA SER A 252 -17.19 24.42 -12.49
C SER A 252 -17.46 25.57 -11.52
N SER A 253 -16.62 25.78 -10.52
CA SER A 253 -16.81 26.87 -9.57
C SER A 253 -15.44 27.29 -9.07
N VAL A 254 -15.33 28.56 -8.66
CA VAL A 254 -14.08 29.16 -8.21
C VAL A 254 -14.34 29.84 -6.88
N GLY A 255 -13.51 29.57 -5.89
CA GLY A 255 -13.61 30.25 -4.61
C GLY A 255 -12.75 31.49 -4.57
N SER A 256 -12.78 32.16 -3.41
N SER A 256 -12.78 32.16 -3.40
CA SER A 256 -11.91 33.31 -3.15
CA SER A 256 -11.91 33.30 -3.14
C SER A 256 -10.51 32.78 -2.85
C SER A 256 -10.51 32.76 -2.86
N LEU A 257 -9.56 33.09 -3.74
CA LEU A 257 -8.21 32.53 -3.64
C LEU A 257 -7.20 33.51 -3.07
N GLY A 258 -7.57 34.75 -2.86
CA GLY A 258 -6.65 35.73 -2.31
C GLY A 258 -6.33 36.83 -3.30
N ALA A 259 -5.55 37.80 -2.81
CA ALA A 259 -5.28 39.01 -3.55
C ALA A 259 -4.25 38.83 -4.66
N ASP A 260 -3.49 37.73 -4.64
CA ASP A 260 -2.56 37.42 -5.72
C ASP A 260 -2.28 35.93 -5.71
N GLU A 261 -1.53 35.48 -6.72
CA GLU A 261 -1.32 34.04 -6.88
C GLU A 261 -0.43 33.45 -5.80
N SER A 262 0.38 34.27 -5.12
CA SER A 262 1.25 33.73 -4.09
C SER A 262 0.52 33.37 -2.81
N LYS A 263 -0.73 33.80 -2.64
CA LYS A 263 -1.43 33.57 -1.37
C LYS A 263 -1.84 32.10 -1.20
N TRP A 264 -2.22 31.42 -2.29
CA TRP A 264 -2.64 30.03 -2.18
C TRP A 264 -2.46 29.26 -3.48
N LEU A 265 -2.86 29.88 -4.61
CA LEU A 265 -2.93 29.13 -5.86
C LEU A 265 -1.58 28.58 -6.27
N CYS A 266 -0.54 29.41 -6.27
CA CYS A 266 0.76 28.98 -6.72
C CYS A 266 1.69 28.60 -5.57
N SER A 267 1.32 28.89 -4.34
CA SER A 267 2.19 28.62 -3.21
C SER A 267 1.93 27.26 -2.57
N GLU A 268 0.68 26.88 -2.35
CA GLU A 268 0.49 25.54 -1.84
C GLU A 268 -0.29 24.63 -2.78
N PHE A 269 -1.32 25.12 -3.46
CA PHE A 269 -2.08 24.28 -4.38
C PHE A 269 -1.21 23.77 -5.53
N LYS A 270 -0.62 24.70 -6.29
CA LYS A 270 0.24 24.28 -7.40
C LYS A 270 1.41 23.46 -6.88
N GLU A 271 1.98 23.82 -5.73
CA GLU A 271 3.12 23.09 -5.18
C GLU A 271 2.77 21.64 -4.94
N SER A 272 1.56 21.36 -4.42
CA SER A 272 1.16 19.96 -4.26
C SER A 272 0.96 19.30 -5.61
N MET A 273 0.34 19.99 -6.56
CA MET A 273 0.04 19.41 -7.87
C MET A 273 1.29 19.09 -8.68
N LEU A 274 2.39 19.81 -8.46
N LEU A 274 2.40 19.79 -8.47
CA LEU A 274 3.64 19.58 -9.18
CA LEU A 274 3.59 19.52 -9.25
C LEU A 274 4.41 18.37 -8.69
C LEU A 274 4.50 18.48 -8.60
N THR A 275 4.11 17.91 -7.48
CA THR A 275 4.93 16.87 -6.84
C THR A 275 5.03 15.62 -7.71
N LEU A 276 6.25 15.11 -7.82
CA LEU A 276 6.50 13.80 -8.45
C LEU A 276 7.66 13.16 -7.73
N GLY A 277 7.42 12.02 -7.08
CA GLY A 277 8.52 11.28 -6.49
C GLY A 277 8.99 11.85 -5.17
N LYS A 278 10.04 11.22 -4.65
CA LYS A 278 10.41 11.38 -3.24
C LYS A 278 11.44 12.47 -2.99
N GLU A 279 12.10 12.99 -4.01
CA GLU A 279 13.18 13.93 -3.78
C GLU A 279 12.67 15.37 -3.73
N SER A 280 13.47 16.23 -3.09
CA SER A 280 13.11 17.62 -2.87
C SER A 280 12.89 18.37 -4.18
N SER A 286 8.55 28.23 -9.11
CA SER A 286 8.47 27.17 -10.12
C SER A 286 8.04 27.71 -11.48
N SER A 287 8.61 27.12 -12.53
CA SER A 287 8.32 27.49 -13.91
C SER A 287 7.24 26.61 -14.54
N VAL A 288 6.62 25.74 -13.77
CA VAL A 288 5.65 24.79 -14.33
C VAL A 288 4.42 25.56 -14.84
N PRO A 289 4.03 25.40 -16.11
CA PRO A 289 2.83 26.09 -16.61
C PRO A 289 1.58 25.57 -15.92
N LEU A 290 0.66 26.49 -15.64
CA LEU A 290 -0.61 26.17 -15.00
C LEU A 290 -1.74 26.59 -15.92
N TYR A 291 -2.52 25.62 -16.41
CA TYR A 291 -3.68 25.85 -17.26
C TYR A 291 -4.94 25.61 -16.43
N LEU A 292 -5.80 26.60 -16.35
CA LEU A 292 -7.11 26.46 -15.70
C LEU A 292 -8.20 26.55 -16.76
N ILE A 293 -9.09 25.56 -16.78
CA ILE A 293 -10.16 25.45 -17.76
C ILE A 293 -11.48 25.78 -17.07
N TYR A 294 -12.15 26.84 -17.53
CA TYR A 294 -13.40 27.29 -16.94
C TYR A 294 -14.24 27.98 -18.02
N PRO A 295 -15.54 27.68 -18.15
CA PRO A 295 -16.31 28.22 -19.28
C PRO A 295 -16.32 29.75 -19.34
N SER A 296 -16.09 30.27 -20.54
CA SER A 296 -16.31 31.67 -20.83
C SER A 296 -17.81 31.98 -20.96
N VAL A 297 -18.13 33.27 -20.98
CA VAL A 297 -19.52 33.68 -21.25
C VAL A 297 -19.97 33.13 -22.60
N GLU A 298 -19.10 33.21 -23.61
N GLU A 298 -19.10 33.20 -23.61
CA GLU A 298 -19.46 32.71 -24.92
CA GLU A 298 -19.48 32.70 -24.92
C GLU A 298 -19.71 31.20 -24.89
C GLU A 298 -19.67 31.19 -24.93
N ASN A 299 -18.88 30.45 -24.15
CA ASN A 299 -19.12 29.01 -24.00
C ASN A 299 -20.53 28.74 -23.49
N VAL A 300 -20.95 29.49 -22.47
CA VAL A 300 -22.27 29.29 -21.86
C VAL A 300 -23.37 29.71 -22.83
N ARG A 301 -23.22 30.88 -23.45
CA ARG A 301 -24.28 31.41 -24.34
C ARG A 301 -24.60 30.43 -25.47
N THR A 302 -23.58 29.83 -26.07
CA THR A 302 -23.77 28.96 -27.22
C THR A 302 -23.93 27.49 -26.84
N SER A 303 -24.06 27.19 -25.55
CA SER A 303 -24.19 25.81 -25.11
C SER A 303 -25.59 25.25 -25.39
N LEU A 304 -25.71 23.92 -25.27
CA LEU A 304 -26.99 23.26 -25.47
C LEU A 304 -28.08 23.83 -24.55
N GLU A 305 -27.72 24.12 -23.29
CA GLU A 305 -28.67 24.68 -22.35
C GLU A 305 -28.87 26.18 -22.51
N GLY A 306 -27.93 26.89 -23.11
CA GLY A 306 -27.95 28.33 -23.14
C GLY A 306 -27.51 28.91 -21.81
N TYR A 307 -27.91 30.17 -21.58
CA TYR A 307 -27.53 30.83 -20.33
C TYR A 307 -27.92 30.07 -19.07
N PRO A 308 -29.04 29.33 -19.00
CA PRO A 308 -29.33 28.57 -17.77
C PRO A 308 -28.25 27.58 -17.36
N ALA A 309 -27.37 27.16 -18.28
CA ALA A 309 -26.23 26.34 -17.87
C ALA A 309 -25.39 27.05 -16.82
N GLY A 310 -25.39 28.38 -16.86
CA GLY A 310 -24.66 29.17 -15.89
C GLY A 310 -25.21 29.11 -14.49
N GLY A 311 -26.42 28.60 -14.31
CA GLY A 311 -26.90 28.37 -12.95
C GLY A 311 -26.10 27.31 -12.22
N SER A 312 -25.36 26.47 -12.94
CA SER A 312 -24.53 25.42 -12.37
C SER A 312 -23.04 25.76 -12.46
N LEU A 313 -22.72 27.03 -12.73
CA LEU A 313 -21.36 27.55 -12.76
C LEU A 313 -21.31 28.73 -11.79
N PRO A 314 -21.29 28.46 -10.49
CA PRO A 314 -21.53 29.55 -9.50
C PRO A 314 -20.32 30.38 -9.06
N TYR A 315 -19.89 31.25 -9.96
CA TYR A 315 -18.82 32.21 -9.71
C TYR A 315 -19.43 33.60 -9.58
N SER A 316 -19.31 34.18 -8.39
CA SER A 316 -19.94 35.46 -8.07
C SER A 316 -19.09 36.65 -8.51
N ILE A 317 -19.76 37.77 -8.81
CA ILE A 317 -19.05 38.99 -9.18
C ILE A 317 -18.26 39.54 -8.00
N GLN A 318 -18.78 39.36 -6.78
CA GLN A 318 -18.08 39.88 -5.60
C GLN A 318 -16.78 39.13 -5.38
N THR A 319 -16.76 37.83 -5.67
CA THR A 319 -15.51 37.08 -5.60
C THR A 319 -14.59 37.44 -6.75
N ALA A 320 -15.12 37.48 -7.97
CA ALA A 320 -14.28 37.65 -9.15
C ALA A 320 -13.54 38.98 -9.14
N GLU A 321 -14.20 40.05 -8.70
CA GLU A 321 -13.56 41.35 -8.81
C GLU A 321 -12.43 41.55 -7.80
N LYS A 322 -12.28 40.66 -6.82
CA LYS A 322 -11.14 40.71 -5.92
C LYS A 322 -9.94 39.92 -6.41
N GLN A 323 -10.07 39.22 -7.55
CA GLN A 323 -8.98 38.36 -8.02
C GLN A 323 -8.94 38.36 -9.55
N ASN A 324 -8.97 39.55 -10.16
CA ASN A 324 -8.85 39.61 -11.60
C ASN A 324 -7.53 39.02 -12.11
N TRP A 325 -6.50 38.99 -11.26
CA TRP A 325 -5.24 38.33 -11.62
C TRP A 325 -5.47 36.89 -12.06
N LEU A 326 -6.50 36.23 -11.51
CA LEU A 326 -6.69 34.81 -11.78
C LEU A 326 -7.11 34.54 -13.21
N HIS A 327 -7.82 35.49 -13.84
CA HIS A 327 -8.44 35.18 -15.11
C HIS A 327 -7.42 35.08 -16.24
N SER A 328 -6.20 35.58 -16.05
N SER A 328 -6.20 35.58 -16.04
CA SER A 328 -5.17 35.38 -17.06
CA SER A 328 -5.13 35.38 -17.02
C SER A 328 -4.73 33.92 -17.16
C SER A 328 -4.68 33.93 -17.11
N TYR A 329 -5.14 33.06 -16.21
CA TYR A 329 -4.87 31.63 -16.27
C TYR A 329 -5.96 30.84 -16.99
N PHE A 330 -7.06 31.49 -17.38
CA PHE A 330 -8.26 30.79 -17.80
C PHE A 330 -8.24 30.44 -19.28
N HIS A 331 -8.70 29.21 -19.58
CA HIS A 331 -8.79 28.66 -20.92
C HIS A 331 -10.22 28.20 -21.15
N LYS A 332 -10.67 28.30 -22.40
CA LYS A 332 -12.03 27.96 -22.79
C LYS A 332 -12.32 26.48 -22.63
N TRP A 333 -13.62 26.17 -22.46
CA TRP A 333 -14.06 24.77 -22.54
C TRP A 333 -14.14 24.35 -23.99
N SER A 334 -13.49 23.23 -24.32
CA SER A 334 -13.55 22.69 -25.68
C SER A 334 -13.44 21.17 -25.57
N ALA A 335 -14.33 20.44 -26.23
CA ALA A 335 -14.36 18.99 -26.05
C ALA A 335 -14.81 18.31 -27.35
N GLU A 336 -14.21 18.70 -28.48
CA GLU A 336 -14.49 18.01 -29.74
C GLU A 336 -14.16 16.52 -29.64
N THR A 337 -13.14 16.16 -28.86
CA THR A 337 -12.79 14.74 -28.72
C THR A 337 -13.96 13.88 -28.25
N SER A 338 -14.88 14.44 -27.44
CA SER A 338 -16.03 13.69 -26.93
C SER A 338 -17.35 14.26 -27.44
N GLY A 339 -17.30 15.15 -28.43
CA GLY A 339 -18.50 15.77 -28.97
C GLY A 339 -19.24 16.66 -28.00
N ARG A 340 -18.55 17.20 -26.99
CA ARG A 340 -19.20 17.84 -25.85
C ARG A 340 -18.79 19.30 -25.67
N SER A 341 -18.34 19.97 -26.74
CA SER A 341 -17.96 21.37 -26.61
C SER A 341 -19.13 22.24 -26.16
N ASN A 342 -20.37 21.86 -26.51
CA ASN A 342 -21.54 22.63 -26.12
C ASN A 342 -22.28 22.03 -24.92
N ALA A 343 -21.69 21.03 -24.27
CA ALA A 343 -22.26 20.43 -23.06
C ALA A 343 -21.44 20.95 -21.89
N MET A 344 -21.97 21.94 -21.17
CA MET A 344 -21.14 22.65 -20.21
C MET A 344 -20.64 21.72 -19.11
N PRO A 345 -19.40 21.90 -18.67
CA PRO A 345 -18.80 20.96 -17.72
C PRO A 345 -19.30 21.17 -16.30
N HIS A 346 -19.72 20.08 -15.67
CA HIS A 346 -19.86 20.04 -14.23
C HIS A 346 -18.90 19.00 -13.64
N ILE A 347 -18.25 18.22 -14.50
CA ILE A 347 -17.10 17.40 -14.10
C ILE A 347 -15.99 18.32 -13.58
N LYS A 348 -15.16 17.80 -12.68
CA LYS A 348 -13.93 18.47 -12.28
C LYS A 348 -12.80 17.48 -12.48
N THR A 349 -11.71 17.94 -13.09
CA THR A 349 -10.57 17.06 -13.35
C THR A 349 -9.28 17.83 -13.17
N TYR A 350 -8.23 17.10 -12.81
CA TYR A 350 -6.89 17.66 -12.66
C TYR A 350 -5.92 16.64 -13.25
N MET A 351 -4.88 17.12 -13.94
CA MET A 351 -3.97 16.17 -14.57
C MET A 351 -2.62 16.83 -14.83
N ARG A 352 -1.65 15.99 -15.23
CA ARG A 352 -0.27 16.40 -15.42
C ARG A 352 0.23 15.94 -16.79
N PRO A 353 -0.10 16.67 -17.86
CA PRO A 353 0.35 16.26 -19.20
C PRO A 353 1.82 16.57 -19.45
N SER A 354 2.35 15.89 -20.46
CA SER A 354 3.69 16.17 -20.96
C SER A 354 3.70 17.50 -21.71
N PRO A 355 4.89 18.05 -22.01
CA PRO A 355 4.94 19.36 -22.68
C PRO A 355 4.20 19.42 -24.02
N ASP A 356 4.09 18.31 -24.75
CA ASP A 356 3.34 18.30 -25.99
C ASP A 356 1.96 17.66 -25.84
N PHE A 357 1.52 17.42 -24.60
CA PHE A 357 0.18 16.94 -24.28
C PHE A 357 -0.13 15.56 -24.88
N SER A 358 0.90 14.78 -25.23
CA SER A 358 0.68 13.46 -25.80
C SER A 358 0.58 12.36 -24.75
N LYS A 359 1.07 12.62 -23.53
CA LYS A 359 1.06 11.69 -22.42
C LYS A 359 0.63 12.43 -21.17
N ILE A 360 0.21 11.67 -20.15
CA ILE A 360 -0.06 12.28 -18.84
C ILE A 360 0.59 11.44 -17.73
N ALA A 361 1.06 12.13 -16.71
CA ALA A 361 1.65 11.46 -15.56
C ALA A 361 0.63 10.96 -14.55
N TRP A 362 -0.59 11.50 -14.58
CA TRP A 362 -1.68 11.09 -13.69
C TRP A 362 -2.93 11.88 -14.09
N PHE A 363 -4.08 11.39 -13.62
CA PHE A 363 -5.38 12.00 -13.91
C PHE A 363 -6.26 11.82 -12.68
N LEU A 364 -6.96 12.88 -12.28
CA LEU A 364 -7.86 12.87 -11.14
C LEU A 364 -9.24 13.33 -11.59
N VAL A 365 -10.28 12.57 -11.27
CA VAL A 365 -11.66 13.06 -11.41
C VAL A 365 -12.23 13.18 -10.01
N THR A 366 -12.90 14.29 -9.73
CA THR A 366 -13.27 14.60 -8.35
C THR A 366 -14.48 15.52 -8.33
N SER A 367 -15.08 15.66 -7.15
CA SER A 367 -16.06 16.72 -6.93
C SER A 367 -15.41 18.06 -6.63
N ALA A 368 -14.11 18.11 -6.32
CA ALA A 368 -13.49 19.33 -5.80
C ALA A 368 -13.30 20.39 -6.89
N ASN A 369 -13.88 21.56 -6.67
CA ASN A 369 -13.67 22.75 -7.50
C ASN A 369 -12.40 23.47 -7.06
N LEU A 370 -12.11 24.60 -7.71
CA LEU A 370 -10.88 25.35 -7.44
C LEU A 370 -11.15 26.26 -6.25
N SER A 371 -11.07 25.67 -5.06
CA SER A 371 -11.37 26.43 -3.85
C SER A 371 -10.61 25.90 -2.63
N LYS A 372 -10.28 26.82 -1.74
CA LYS A 372 -9.64 26.45 -0.47
C LYS A 372 -10.56 25.60 0.41
N ALA A 373 -11.88 25.83 0.34
CA ALA A 373 -12.82 25.03 1.14
C ALA A 373 -12.71 23.55 0.78
N ALA A 374 -12.49 23.26 -0.51
CA ALA A 374 -12.47 21.90 -1.03
C ALA A 374 -11.12 21.24 -0.85
N TRP A 375 -10.04 21.97 -1.09
CA TRP A 375 -8.71 21.40 -1.15
C TRP A 375 -7.91 21.59 0.14
N GLY A 376 -8.29 22.55 0.95
CA GLY A 376 -7.57 22.81 2.20
C GLY A 376 -6.65 24.02 2.08
N ALA A 377 -6.48 24.72 3.20
CA ALA A 377 -5.56 25.84 3.28
C ALA A 377 -4.74 25.71 4.55
N LEU A 378 -3.45 25.99 4.45
CA LEU A 378 -2.56 25.86 5.60
C LEU A 378 -2.84 26.96 6.61
N GLU A 379 -2.76 26.59 7.89
CA GLU A 379 -2.99 27.47 9.02
C GLU A 379 -1.89 27.23 10.04
N LYS A 380 -1.78 28.12 11.02
CA LYS A 380 -0.91 27.94 12.18
C LYS A 380 0.54 27.73 11.75
N ASN A 381 1.06 28.69 10.98
CA ASN A 381 2.46 28.69 10.56
C ASN A 381 2.78 27.42 9.77
N GLY A 382 1.85 27.01 8.92
CA GLY A 382 2.06 25.87 8.04
C GLY A 382 1.96 24.51 8.70
N THR A 383 1.49 24.41 9.94
CA THR A 383 1.44 23.13 10.63
C THR A 383 0.08 22.45 10.58
N GLN A 384 -0.95 23.14 10.06
CA GLN A 384 -2.31 22.66 10.14
C GLN A 384 -2.99 22.87 8.80
N LEU A 385 -3.64 21.83 8.26
CA LEU A 385 -4.43 21.96 7.04
C LEU A 385 -5.90 22.03 7.43
N MET A 386 -6.56 23.14 7.08
CA MET A 386 -7.96 23.33 7.40
C MET A 386 -8.81 23.13 6.15
N ILE A 387 -9.81 22.25 6.25
CA ILE A 387 -10.73 21.93 5.17
C ILE A 387 -12.15 22.20 5.65
N ARG A 388 -12.96 22.84 4.81
CA ARG A 388 -14.33 23.15 5.21
C ARG A 388 -15.36 22.11 4.76
N SER A 389 -15.08 21.36 3.70
CA SER A 389 -16.10 20.62 2.96
C SER A 389 -15.78 19.13 2.85
N TYR A 390 -16.81 18.37 2.48
CA TYR A 390 -16.65 16.99 2.04
C TYR A 390 -16.49 16.97 0.52
N GLU A 391 -15.46 16.28 0.05
CA GLU A 391 -15.22 16.08 -1.38
C GLU A 391 -14.68 14.67 -1.58
N LEU A 392 -14.80 14.16 -2.81
CA LEU A 392 -14.28 12.83 -3.09
C LEU A 392 -13.92 12.68 -4.55
N GLY A 393 -12.78 12.03 -4.81
CA GLY A 393 -12.37 11.77 -6.18
C GLY A 393 -11.49 10.53 -6.22
N VAL A 394 -11.15 10.11 -7.45
CA VAL A 394 -10.25 8.98 -7.64
C VAL A 394 -9.10 9.39 -8.55
N LEU A 395 -7.91 8.92 -8.19
CA LEU A 395 -6.67 9.24 -8.86
C LEU A 395 -6.17 8.03 -9.65
N PHE A 396 -5.92 8.23 -10.94
CA PHE A 396 -5.33 7.24 -11.84
C PHE A 396 -3.84 7.51 -11.96
N LEU A 397 -3.02 6.58 -11.44
CA LEU A 397 -1.56 6.67 -11.52
C LEU A 397 -1.02 5.58 -12.41
N PRO A 398 -0.11 5.89 -13.33
CA PRO A 398 0.44 4.85 -14.22
C PRO A 398 1.02 3.67 -13.47
N SER A 399 1.67 3.90 -12.33
CA SER A 399 2.27 2.80 -11.58
C SER A 399 1.22 1.78 -11.15
N ALA A 400 -0.03 2.21 -10.94
CA ALA A 400 -1.06 1.26 -10.52
C ALA A 400 -1.52 0.38 -11.65
N PHE A 401 -1.07 0.65 -12.88
CA PHE A 401 -1.40 -0.14 -14.06
C PHE A 401 -0.17 -0.75 -14.69
N GLY A 402 0.96 -0.72 -14.00
CA GLY A 402 2.19 -1.25 -14.55
C GLY A 402 2.81 -0.40 -15.64
N LEU A 403 2.58 0.91 -15.60
CA LEU A 403 3.01 1.81 -16.65
C LEU A 403 3.83 2.96 -16.06
N ASP A 404 4.60 3.62 -16.95
CA ASP A 404 5.34 4.81 -16.56
C ASP A 404 4.55 6.08 -16.84
N SER A 405 3.69 6.07 -17.85
CA SER A 405 2.82 7.19 -18.17
C SER A 405 1.62 6.62 -18.93
N PHE A 406 0.59 7.44 -19.09
CA PHE A 406 -0.57 7.14 -19.92
C PHE A 406 -0.44 7.88 -21.24
N LYS A 407 -0.65 7.17 -22.34
CA LYS A 407 -0.89 7.86 -23.62
C LYS A 407 -2.28 8.47 -23.60
N VAL A 408 -2.43 9.65 -24.20
CA VAL A 408 -3.74 10.28 -24.27
C VAL A 408 -4.52 9.71 -25.45
N LYS A 409 -5.76 9.27 -25.19
CA LYS A 409 -6.63 8.75 -26.23
C LYS A 409 -7.04 9.89 -27.18
N GLN A 410 -6.93 9.65 -28.48
CA GLN A 410 -7.11 10.74 -29.44
C GLN A 410 -8.57 11.10 -29.62
N LYS A 411 -9.46 10.12 -29.65
CA LYS A 411 -10.90 10.33 -29.66
C LYS A 411 -11.50 9.58 -28.49
N PHE A 412 -12.26 10.29 -27.65
CA PHE A 412 -12.68 9.75 -26.36
C PHE A 412 -13.43 8.42 -26.51
N PHE A 413 -14.31 8.33 -27.50
CA PHE A 413 -15.14 7.14 -27.71
C PHE A 413 -14.61 6.23 -28.81
N ALA A 414 -13.34 6.37 -29.20
CA ALA A 414 -12.79 5.60 -30.31
C ALA A 414 -12.25 4.26 -29.79
N GLY A 415 -11.58 3.51 -30.67
CA GLY A 415 -11.01 2.23 -30.31
C GLY A 415 -9.66 2.33 -29.65
N PRO A 419 -4.60 0.72 -28.49
CA PRO A 419 -4.62 -0.12 -27.29
C PRO A 419 -5.47 0.48 -26.18
N MET A 420 -6.01 -0.38 -25.32
CA MET A 420 -6.84 0.09 -24.21
C MET A 420 -6.04 0.77 -23.10
N ALA A 421 -4.71 0.78 -23.19
CA ALA A 421 -3.84 1.43 -22.21
C ALA A 421 -3.68 2.93 -22.46
N THR A 422 -4.56 3.54 -23.26
CA THR A 422 -4.53 4.98 -23.46
C THR A 422 -5.67 5.61 -22.66
N PHE A 423 -5.37 6.74 -22.02
CA PHE A 423 -6.36 7.24 -21.07
C PHE A 423 -7.36 8.17 -21.76
N PRO A 424 -8.66 8.01 -21.45
CA PRO A 424 -9.67 8.83 -22.15
C PRO A 424 -9.87 10.20 -21.52
N VAL A 425 -9.08 11.17 -21.95
CA VAL A 425 -9.24 12.55 -21.51
C VAL A 425 -10.46 13.15 -22.21
N PRO A 426 -11.43 13.70 -21.48
CA PRO A 426 -12.72 14.03 -22.11
C PRO A 426 -12.78 15.39 -22.81
N TYR A 427 -11.74 16.21 -22.75
CA TYR A 427 -11.73 17.50 -23.42
C TYR A 427 -10.44 17.66 -24.21
N ASP A 428 -10.40 18.73 -25.02
CA ASP A 428 -9.34 18.89 -26.00
C ASP A 428 -8.05 19.40 -25.40
N LEU A 429 -6.93 18.92 -25.94
CA LEU A 429 -5.61 19.41 -25.60
C LEU A 429 -4.88 19.89 -26.86
N PRO A 430 -4.04 20.93 -26.75
CA PRO A 430 -3.86 21.78 -25.57
C PRO A 430 -5.08 22.67 -25.33
N PRO A 431 -5.30 23.11 -24.08
CA PRO A 431 -6.38 24.05 -23.82
C PRO A 431 -6.10 25.38 -24.49
N GLU A 432 -7.18 26.06 -24.89
CA GLU A 432 -7.09 27.32 -25.63
C GLU A 432 -7.31 28.49 -24.68
N LEU A 433 -6.35 29.41 -24.63
CA LEU A 433 -6.50 30.60 -23.79
C LEU A 433 -7.72 31.44 -24.20
N TYR A 434 -8.38 32.04 -23.21
CA TYR A 434 -9.39 33.07 -23.49
C TYR A 434 -8.82 34.10 -24.47
N GLY A 435 -9.66 34.53 -25.40
CA GLY A 435 -9.32 35.69 -26.22
C GLY A 435 -9.51 36.98 -25.44
N SER A 436 -9.09 38.09 -26.07
CA SER A 436 -9.11 39.38 -25.38
C SER A 436 -10.53 39.84 -25.07
N LYS A 437 -11.51 39.38 -25.86
CA LYS A 437 -12.90 39.75 -25.62
C LYS A 437 -13.65 38.73 -24.75
N ASP A 438 -13.02 37.61 -24.42
CA ASP A 438 -13.66 36.62 -23.57
C ASP A 438 -13.63 37.06 -22.11
N ARG A 439 -14.62 36.61 -21.36
CA ARG A 439 -14.71 36.86 -19.92
C ARG A 439 -15.13 35.57 -19.25
N PRO A 440 -14.74 35.34 -18.00
CA PRO A 440 -15.21 34.13 -17.31
C PRO A 440 -16.70 34.23 -17.06
N TRP A 441 -17.38 33.09 -17.09
CA TRP A 441 -18.78 33.10 -16.71
C TRP A 441 -18.92 33.53 -15.25
N ILE A 442 -19.69 34.59 -15.03
CA ILE A 442 -20.02 35.08 -13.70
C ILE A 442 -21.54 35.08 -13.60
N TRP A 443 -22.08 34.33 -12.63
CA TRP A 443 -23.47 33.92 -12.72
C TRP A 443 -24.46 34.98 -12.25
N ASN A 444 -24.04 36.01 -11.52
CA ASN A 444 -24.99 36.95 -10.95
C ASN A 444 -24.82 38.37 -11.50
N ILE A 445 -24.45 38.48 -12.77
CA ILE A 445 -24.49 39.75 -13.51
C ILE A 445 -25.24 39.49 -14.82
N PRO A 446 -25.86 40.49 -15.43
CA PRO A 446 -26.67 40.23 -16.63
C PRO A 446 -25.84 40.16 -17.90
N TYR A 447 -26.35 39.41 -18.88
CA TYR A 447 -25.79 39.35 -20.23
C TYR A 447 -26.93 39.60 -21.21
N VAL A 448 -26.92 40.76 -21.85
CA VAL A 448 -28.05 41.19 -22.66
C VAL A 448 -27.61 41.66 -24.05
N LYS A 449 -26.37 41.33 -24.44
CA LYS A 449 -25.87 41.78 -25.72
C LYS A 449 -26.18 40.81 -26.85
N ALA A 450 -26.26 39.51 -26.56
CA ALA A 450 -26.54 38.51 -27.59
C ALA A 450 -27.32 37.37 -26.96
N PRO A 451 -28.31 36.84 -27.66
CA PRO A 451 -29.17 35.80 -27.07
C PRO A 451 -28.53 34.42 -27.14
N ASP A 452 -29.04 33.52 -26.28
CA ASP A 452 -28.50 32.17 -26.21
C ASP A 452 -29.20 31.26 -27.22
N THR A 453 -28.90 29.96 -27.16
CA THR A 453 -29.42 29.01 -28.13
C THR A 453 -30.92 28.81 -28.04
N HIS A 454 -31.56 29.35 -27.01
CA HIS A 454 -33.01 29.25 -26.88
C HIS A 454 -33.69 30.57 -27.13
N GLY A 455 -32.93 31.60 -27.51
CA GLY A 455 -33.49 32.91 -27.82
C GLY A 455 -33.54 33.90 -26.67
N ASN A 456 -32.89 33.60 -25.55
CA ASN A 456 -33.08 34.37 -24.32
C ASN A 456 -31.81 35.09 -23.90
N MET A 457 -32.00 36.14 -23.09
CA MET A 457 -30.92 36.81 -22.39
C MET A 457 -30.82 36.24 -20.97
N TRP A 458 -29.86 36.76 -20.20
CA TRP A 458 -29.62 36.36 -18.82
C TRP A 458 -29.75 37.59 -17.93
N VAL A 459 -30.79 37.62 -17.12
CA VAL A 459 -31.06 38.74 -16.21
C VAL A 459 -31.30 38.18 -14.81
N PRO A 460 -30.26 38.06 -13.97
CA PRO A 460 -30.33 37.41 -12.65
C PRO A 460 -31.37 38.03 -11.70
N ASN B 15 -4.12 -23.24 6.05
CA ASN B 15 -3.59 -22.06 6.71
C ASN B 15 -3.30 -20.95 5.71
N PRO B 16 -3.43 -19.70 6.16
CA PRO B 16 -3.04 -18.57 5.29
C PRO B 16 -1.56 -18.25 5.37
N PHE B 17 -0.85 -18.75 6.38
CA PHE B 17 0.43 -18.14 6.68
C PHE B 17 1.58 -18.74 5.90
N GLN B 18 1.52 -20.03 5.56
CA GLN B 18 2.57 -20.67 4.76
C GLN B 18 3.94 -20.52 5.40
N PHE B 19 3.97 -20.66 6.73
CA PHE B 19 5.18 -20.64 7.53
C PHE B 19 5.48 -22.08 7.95
N TYR B 20 6.66 -22.58 7.61
CA TYR B 20 7.03 -23.97 7.82
C TYR B 20 8.32 -24.06 8.61
N LEU B 21 8.51 -25.19 9.28
CA LEU B 21 9.83 -25.57 9.78
C LEU B 21 10.46 -26.61 8.88
N THR B 22 11.79 -26.67 8.93
CA THR B 22 12.49 -27.72 8.21
C THR B 22 12.32 -29.06 8.94
N ARG B 23 12.48 -30.15 8.19
CA ARG B 23 12.44 -31.49 8.75
C ARG B 23 13.63 -31.72 9.70
N VAL B 24 13.38 -32.41 10.81
CA VAL B 24 14.42 -32.70 11.81
C VAL B 24 14.61 -34.21 11.90
N SER B 25 15.83 -34.68 11.68
N SER B 25 15.83 -34.68 11.67
CA SER B 25 16.12 -36.09 11.81
CA SER B 25 16.13 -36.10 11.82
C SER B 25 16.28 -36.46 13.29
C SER B 25 16.26 -36.45 13.29
N GLY B 26 15.59 -37.51 13.72
CA GLY B 26 15.70 -37.99 15.07
C GLY B 26 14.57 -37.61 16.01
N VAL B 27 13.54 -36.94 15.50
CA VAL B 27 12.33 -36.73 16.27
C VAL B 27 11.24 -37.61 15.69
N LYS B 28 10.19 -37.82 16.48
CA LYS B 28 9.08 -38.67 16.06
C LYS B 28 8.43 -38.11 14.80
N PRO B 29 7.91 -38.98 13.92
CA PRO B 29 7.31 -38.52 12.65
C PRO B 29 6.22 -37.47 12.82
N LYS B 30 5.46 -37.50 13.92
CA LYS B 30 4.42 -36.51 14.13
C LYS B 30 4.97 -35.09 14.14
N TYR B 31 6.23 -34.91 14.52
CA TYR B 31 6.84 -33.59 14.54
C TYR B 31 7.46 -33.18 13.20
N ASN B 32 7.40 -34.03 12.19
CA ASN B 32 7.79 -33.65 10.84
C ASN B 32 6.62 -33.61 9.90
N SER B 33 5.39 -33.79 10.42
CA SER B 33 4.22 -33.93 9.57
C SER B 33 4.04 -32.73 8.66
N GLY B 34 4.06 -31.53 9.22
CA GLY B 34 3.90 -30.35 8.38
C GLY B 34 5.20 -29.68 8.00
N ALA B 35 6.33 -30.36 8.16
CA ALA B 35 7.65 -29.78 7.91
C ALA B 35 8.09 -29.99 6.47
N LEU B 36 9.09 -29.21 6.04
CA LEU B 36 9.58 -29.26 4.66
C LEU B 36 11.08 -29.49 4.63
N HIS B 37 11.51 -30.43 3.79
CA HIS B 37 12.92 -30.58 3.43
C HIS B 37 13.18 -29.85 2.12
N ILE B 38 14.46 -29.54 1.86
CA ILE B 38 14.78 -28.81 0.64
C ILE B 38 14.33 -29.59 -0.59
N LYS B 39 14.40 -30.93 -0.53
CA LYS B 39 13.94 -31.73 -1.66
C LYS B 39 12.44 -31.58 -1.90
N ASP B 40 11.66 -31.34 -0.84
CA ASP B 40 10.23 -31.07 -1.03
C ASP B 40 10.02 -29.76 -1.77
N ILE B 41 10.80 -28.73 -1.44
CA ILE B 41 10.62 -27.42 -2.04
C ILE B 41 10.93 -27.45 -3.53
N LEU B 42 11.94 -28.22 -3.92
CA LEU B 42 12.40 -28.28 -5.31
C LEU B 42 11.69 -29.37 -6.12
N SER B 43 10.76 -30.08 -5.50
CA SER B 43 10.07 -31.19 -6.14
C SER B 43 9.27 -30.72 -7.36
N PRO B 44 9.06 -31.61 -8.34
N PRO B 44 9.06 -31.60 -8.34
CA PRO B 44 8.19 -31.24 -9.48
CA PRO B 44 8.19 -31.24 -9.48
C PRO B 44 6.76 -30.94 -9.07
C PRO B 44 6.76 -30.94 -9.07
N LEU B 45 6.33 -31.42 -7.90
CA LEU B 45 5.00 -31.09 -7.40
C LEU B 45 4.84 -29.60 -7.13
N PHE B 46 5.95 -28.88 -6.86
CA PHE B 46 5.87 -27.45 -6.63
C PHE B 46 5.87 -26.64 -7.91
N GLY B 47 6.26 -27.24 -9.03
CA GLY B 47 6.28 -26.58 -10.32
C GLY B 47 7.33 -27.20 -11.24
N THR B 48 7.21 -26.90 -12.53
CA THR B 48 8.15 -27.39 -13.54
C THR B 48 9.27 -26.36 -13.71
N LEU B 49 10.42 -26.63 -13.10
CA LEU B 49 11.47 -25.63 -12.96
C LEU B 49 12.15 -25.31 -14.28
N VAL B 50 12.34 -24.02 -14.53
CA VAL B 50 13.07 -23.53 -15.70
C VAL B 50 14.40 -22.88 -15.31
N SER B 51 14.45 -22.22 -14.16
N SER B 51 14.47 -22.23 -14.16
CA SER B 51 15.69 -21.62 -13.67
CA SER B 51 15.66 -21.51 -13.70
C SER B 51 15.46 -21.24 -12.21
C SER B 51 15.46 -21.19 -12.23
N SER B 52 16.56 -21.02 -11.50
CA SER B 52 16.47 -20.67 -10.09
C SER B 52 17.63 -19.79 -9.67
N ALA B 53 17.40 -19.03 -8.60
CA ALA B 53 18.43 -18.23 -7.95
C ALA B 53 18.45 -18.62 -6.48
N GLN B 54 19.65 -18.87 -5.96
CA GLN B 54 19.85 -19.25 -4.56
C GLN B 54 20.69 -18.16 -3.89
N PHE B 55 20.05 -17.32 -3.10
CA PHE B 55 20.72 -16.34 -2.27
C PHE B 55 21.10 -17.01 -0.95
N ASN B 56 22.36 -16.93 -0.57
CA ASN B 56 22.71 -17.52 0.72
C ASN B 56 24.07 -17.00 1.17
N TYR B 57 24.50 -17.52 2.32
CA TYR B 57 25.81 -17.24 2.90
C TYR B 57 26.80 -18.35 2.60
N CYS B 58 26.47 -19.58 2.98
N CYS B 58 26.47 -19.59 2.96
CA CYS B 58 27.29 -20.77 2.80
CA CYS B 58 27.36 -20.74 2.79
C CYS B 58 26.64 -21.67 1.75
C CYS B 58 26.70 -21.78 1.89
N PHE B 59 27.49 -22.34 0.96
CA PHE B 59 27.03 -23.29 -0.04
C PHE B 59 27.91 -24.53 -0.01
N ASP B 60 27.28 -25.70 -0.12
CA ASP B 60 27.95 -26.94 -0.53
C ASP B 60 27.33 -27.29 -1.88
N VAL B 61 28.05 -26.99 -2.97
CA VAL B 61 27.43 -27.05 -4.30
C VAL B 61 27.13 -28.49 -4.70
N ASP B 62 28.04 -29.43 -4.42
CA ASP B 62 27.76 -30.84 -4.73
C ASP B 62 26.47 -31.28 -4.05
N TRP B 63 26.32 -30.95 -2.77
CA TRP B 63 25.10 -31.29 -2.04
C TRP B 63 23.89 -30.58 -2.64
N LEU B 64 24.03 -29.28 -2.91
CA LEU B 64 22.90 -28.49 -3.40
C LEU B 64 22.33 -29.08 -4.69
N VAL B 65 23.19 -29.40 -5.65
CA VAL B 65 22.71 -29.89 -6.94
C VAL B 65 21.96 -31.21 -6.75
N LYS B 66 22.41 -32.04 -5.80
CA LYS B 66 21.73 -33.30 -5.50
C LYS B 66 20.33 -33.10 -4.93
N GLN B 67 20.02 -31.90 -4.41
CA GLN B 67 18.69 -31.67 -3.86
C GLN B 67 17.67 -31.32 -4.94
N TYR B 68 18.13 -30.91 -6.13
CA TYR B 68 17.23 -30.72 -7.25
C TYR B 68 16.88 -32.08 -7.85
N PRO B 69 15.62 -32.27 -8.27
CA PRO B 69 15.27 -33.52 -8.95
C PRO B 69 16.14 -33.70 -10.19
N PRO B 70 16.45 -34.95 -10.56
CA PRO B 70 17.33 -35.17 -11.72
C PRO B 70 16.86 -34.45 -12.98
N GLU B 71 15.55 -34.40 -13.23
CA GLU B 71 15.03 -33.76 -14.43
C GLU B 71 15.24 -32.25 -14.44
N PHE B 72 15.48 -31.62 -13.28
CA PHE B 72 15.74 -30.19 -13.22
C PHE B 72 17.20 -29.87 -12.98
N ARG B 73 18.07 -30.87 -12.88
CA ARG B 73 19.41 -30.66 -12.37
C ARG B 73 20.30 -29.87 -13.34
N LYS B 74 19.93 -29.80 -14.62
CA LYS B 74 20.73 -29.05 -15.57
C LYS B 74 20.18 -27.65 -15.86
N LYS B 75 19.04 -27.27 -15.28
CA LYS B 75 18.50 -25.94 -15.50
C LYS B 75 19.43 -24.90 -14.87
N PRO B 76 19.44 -23.67 -15.39
CA PRO B 76 20.35 -22.66 -14.86
C PRO B 76 20.11 -22.37 -13.37
N ILE B 77 21.20 -22.24 -12.63
CA ILE B 77 21.18 -21.86 -11.22
C ILE B 77 22.12 -20.68 -11.04
N LEU B 78 21.63 -19.64 -10.37
CA LEU B 78 22.45 -18.48 -9.98
C LEU B 78 22.67 -18.54 -8.48
N LEU B 79 23.94 -18.55 -8.06
CA LEU B 79 24.29 -18.47 -6.65
C LEU B 79 24.66 -17.03 -6.31
N VAL B 80 23.91 -16.42 -5.40
CA VAL B 80 24.18 -15.06 -4.95
C VAL B 80 24.83 -15.14 -3.57
N HIS B 81 26.07 -14.66 -3.47
CA HIS B 81 26.92 -14.84 -2.31
C HIS B 81 27.69 -13.55 -2.02
N GLY B 82 28.41 -13.55 -0.90
CA GLY B 82 29.21 -12.38 -0.53
C GLY B 82 30.71 -12.63 -0.42
N ASP B 83 31.19 -13.78 -0.88
CA ASP B 83 32.59 -14.17 -0.65
C ASP B 83 33.56 -13.31 -1.45
N LYS B 84 34.74 -13.09 -0.85
CA LYS B 84 35.82 -12.33 -1.45
C LYS B 84 37.10 -13.16 -1.47
N ARG B 85 38.06 -12.71 -2.27
CA ARG B 85 39.43 -13.22 -2.24
C ARG B 85 39.48 -14.74 -2.33
N GLU B 86 40.12 -15.39 -1.34
CA GLU B 86 40.32 -16.83 -1.43
C GLU B 86 39.01 -17.58 -1.19
N ALA B 87 38.13 -17.05 -0.32
CA ALA B 87 36.82 -17.66 -0.14
C ALA B 87 36.04 -17.65 -1.46
N LYS B 88 36.12 -16.55 -2.21
CA LYS B 88 35.44 -16.47 -3.50
C LYS B 88 35.99 -17.48 -4.48
N ALA B 89 37.31 -17.66 -4.48
CA ALA B 89 37.92 -18.65 -5.39
C ALA B 89 37.46 -20.05 -5.05
N HIS B 90 37.28 -20.36 -3.76
CA HIS B 90 36.85 -21.71 -3.40
C HIS B 90 35.42 -21.99 -3.87
N LEU B 91 34.54 -20.99 -3.78
CA LEU B 91 33.17 -21.20 -4.25
C LEU B 91 33.14 -21.40 -5.75
N HIS B 92 33.91 -20.62 -6.50
CA HIS B 92 34.01 -20.82 -7.93
C HIS B 92 34.52 -22.23 -8.25
N ALA B 93 35.50 -22.72 -7.48
CA ALA B 93 36.00 -24.07 -7.68
C ALA B 93 34.93 -25.12 -7.44
N GLN B 94 34.10 -24.91 -6.40
CA GLN B 94 32.98 -25.81 -6.15
C GLN B 94 32.04 -25.87 -7.35
N ALA B 95 31.77 -24.72 -7.97
CA ALA B 95 30.75 -24.64 -9.01
C ALA B 95 31.26 -25.05 -10.39
N LYS B 96 32.57 -25.05 -10.62
CA LYS B 96 33.09 -25.28 -11.96
C LYS B 96 32.60 -26.57 -12.62
N PRO B 97 32.49 -27.71 -11.94
CA PRO B 97 32.00 -28.93 -12.60
C PRO B 97 30.59 -28.81 -13.19
N TYR B 98 29.80 -27.80 -12.80
CA TYR B 98 28.41 -27.67 -13.23
C TYR B 98 28.30 -26.44 -14.13
N GLU B 99 28.27 -26.68 -15.45
CA GLU B 99 28.28 -25.58 -16.42
C GLU B 99 27.01 -24.74 -16.40
N ASN B 100 25.95 -25.21 -15.76
CA ASN B 100 24.70 -24.47 -15.63
C ASN B 100 24.70 -23.50 -14.44
N ILE B 101 25.74 -23.49 -13.62
CA ILE B 101 25.76 -22.68 -12.41
C ILE B 101 26.55 -21.40 -12.69
N SER B 102 25.89 -20.27 -12.49
CA SER B 102 26.50 -18.94 -12.50
C SER B 102 26.56 -18.38 -11.08
N LEU B 103 27.43 -17.41 -10.89
CA LEU B 103 27.65 -16.81 -9.58
C LEU B 103 27.49 -15.30 -9.66
N CYS B 104 26.99 -14.71 -8.57
CA CYS B 104 26.87 -13.27 -8.43
C CYS B 104 27.44 -12.89 -7.07
N GLN B 105 28.51 -12.10 -7.08
CA GLN B 105 29.15 -11.63 -5.85
C GLN B 105 28.52 -10.31 -5.44
N ALA B 106 27.72 -10.35 -4.38
CA ALA B 106 27.10 -9.16 -3.82
C ALA B 106 28.17 -8.23 -3.26
N LYS B 107 28.07 -6.95 -3.62
CA LYS B 107 29.04 -5.97 -3.13
C LYS B 107 28.89 -5.77 -1.62
N LEU B 108 30.02 -5.77 -0.92
CA LEU B 108 30.08 -5.55 0.52
C LEU B 108 31.12 -4.46 0.76
N ASP B 109 30.73 -3.21 0.50
CA ASP B 109 31.67 -2.11 0.53
C ASP B 109 31.79 -1.46 1.90
N ILE B 110 31.05 -1.93 2.88
CA ILE B 110 31.25 -1.54 4.27
C ILE B 110 31.93 -2.69 4.99
N ALA B 111 32.95 -2.37 5.78
CA ALA B 111 33.74 -3.41 6.43
C ALA B 111 32.90 -4.24 7.38
N PHE B 112 33.28 -5.51 7.52
CA PHE B 112 32.66 -6.46 8.45
C PHE B 112 31.20 -6.73 8.10
N GLY B 113 30.84 -6.63 6.82
CA GLY B 113 29.51 -6.97 6.37
C GLY B 113 29.45 -8.39 5.82
N THR B 114 28.25 -8.95 5.79
N THR B 114 28.23 -8.92 5.75
CA THR B 114 28.07 -10.28 5.23
CA THR B 114 27.96 -10.28 5.33
C THR B 114 26.82 -10.30 4.37
C THR B 114 26.78 -10.30 4.38
N HIS B 115 26.80 -11.21 3.41
CA HIS B 115 25.61 -11.49 2.61
C HIS B 115 24.86 -12.62 3.31
N HIS B 116 23.88 -12.25 4.14
CA HIS B 116 23.24 -13.20 5.03
C HIS B 116 21.89 -13.69 4.52
N THR B 117 21.28 -12.94 3.60
CA THR B 117 19.97 -13.27 3.03
C THR B 117 19.89 -14.71 2.51
N LYS B 118 18.82 -15.40 2.89
CA LYS B 118 18.54 -16.75 2.42
C LYS B 118 17.22 -16.74 1.68
N MET B 119 17.29 -16.88 0.37
CA MET B 119 16.11 -16.76 -0.48
C MET B 119 16.27 -17.64 -1.69
N MET B 120 15.17 -18.23 -2.15
CA MET B 120 15.13 -18.93 -3.43
C MET B 120 14.16 -18.20 -4.34
N LEU B 121 14.59 -17.96 -5.59
CA LEU B 121 13.68 -17.54 -6.64
C LEU B 121 13.53 -18.71 -7.60
N LEU B 122 12.30 -19.18 -7.79
CA LEU B 122 12.06 -20.40 -8.55
C LEU B 122 11.13 -20.07 -9.72
N LEU B 123 11.66 -20.12 -10.93
CA LEU B 123 10.86 -19.82 -12.12
C LEU B 123 10.41 -21.13 -12.75
N TYR B 124 9.10 -21.28 -12.93
CA TYR B 124 8.50 -22.46 -13.52
C TYR B 124 7.83 -22.14 -14.85
N GLU B 125 7.47 -23.22 -15.57
CA GLU B 125 6.59 -23.06 -16.72
C GLU B 125 5.23 -22.51 -16.31
N GLU B 126 4.80 -22.77 -15.07
CA GLU B 126 3.48 -22.40 -14.59
C GLU B 126 3.45 -21.07 -13.84
N GLY B 127 4.59 -20.45 -13.60
CA GLY B 127 4.60 -19.23 -12.81
C GLY B 127 5.92 -19.08 -12.06
N LEU B 128 5.85 -18.32 -10.95
CA LEU B 128 7.02 -17.95 -10.17
C LEU B 128 6.75 -18.19 -8.69
N ARG B 129 7.76 -18.67 -7.97
CA ARG B 129 7.67 -18.79 -6.51
C ARG B 129 8.87 -18.13 -5.84
N VAL B 130 8.62 -17.51 -4.69
CA VAL B 130 9.66 -16.93 -3.84
C VAL B 130 9.66 -17.68 -2.52
N VAL B 131 10.85 -18.09 -2.07
CA VAL B 131 11.03 -18.75 -0.77
C VAL B 131 12.00 -17.91 0.05
N ILE B 132 11.59 -17.48 1.24
CA ILE B 132 12.48 -16.72 2.12
C ILE B 132 12.64 -17.56 3.39
N HIS B 133 13.87 -17.89 3.74
CA HIS B 133 14.06 -18.93 4.75
C HIS B 133 15.31 -18.60 5.56
N THR B 134 15.74 -19.53 6.42
CA THR B 134 16.84 -19.24 7.33
C THR B 134 18.04 -20.19 7.22
N SER B 135 18.02 -21.17 6.31
CA SER B 135 19.04 -22.21 6.26
C SER B 135 20.12 -21.95 5.22
N ASN B 136 21.37 -22.22 5.60
CA ASN B 136 22.44 -22.29 4.60
C ASN B 136 22.24 -23.53 3.72
N LEU B 137 22.90 -23.52 2.57
CA LEU B 137 22.76 -24.62 1.60
C LEU B 137 23.85 -25.66 1.83
N ILE B 138 23.80 -26.25 3.04
CA ILE B 138 24.69 -27.34 3.45
C ILE B 138 23.86 -28.36 4.22
N HIS B 139 24.30 -29.62 4.15
CA HIS B 139 23.55 -30.71 4.77
C HIS B 139 23.19 -30.41 6.22
N ALA B 140 24.16 -29.90 6.98
CA ALA B 140 23.97 -29.77 8.42
C ALA B 140 22.85 -28.79 8.78
N ASP B 141 22.62 -27.79 7.94
CA ASP B 141 21.59 -26.81 8.27
C ASP B 141 20.18 -27.34 8.10
N TRP B 142 20.00 -28.46 7.39
CA TRP B 142 18.68 -29.04 7.17
C TRP B 142 18.50 -30.36 7.89
N HIS B 143 19.44 -30.72 8.77
CA HIS B 143 19.44 -32.05 9.37
C HIS B 143 18.78 -32.06 10.74
N GLN B 144 19.38 -31.39 11.74
CA GLN B 144 18.87 -31.46 13.10
C GLN B 144 18.71 -30.08 13.74
N LYS B 145 18.44 -29.06 12.94
CA LYS B 145 18.25 -27.71 13.46
C LYS B 145 16.79 -27.26 13.33
N THR B 146 16.42 -26.27 14.15
CA THR B 146 15.14 -25.57 13.95
C THR B 146 15.38 -24.42 12.98
N GLN B 147 14.75 -24.50 11.82
CA GLN B 147 14.85 -23.49 10.77
C GLN B 147 13.45 -23.14 10.29
N GLY B 148 13.30 -21.93 9.73
CA GLY B 148 12.01 -21.44 9.28
C GLY B 148 11.99 -21.14 7.79
N ILE B 149 10.82 -21.34 7.19
CA ILE B 149 10.59 -21.15 5.75
C ILE B 149 9.27 -20.43 5.54
N TRP B 150 9.28 -19.40 4.71
CA TRP B 150 8.04 -18.84 4.15
C TRP B 150 7.96 -19.20 2.67
N LEU B 151 6.83 -19.79 2.27
CA LEU B 151 6.56 -20.13 0.87
C LEU B 151 5.56 -19.15 0.28
N SER B 152 5.96 -18.48 -0.80
CA SER B 152 5.02 -17.65 -1.53
C SER B 152 3.97 -18.51 -2.23
N PRO B 153 2.84 -17.92 -2.62
CA PRO B 153 1.94 -18.59 -3.57
C PRO B 153 2.66 -18.80 -4.90
N LEU B 154 2.07 -19.65 -5.72
CA LEU B 154 2.46 -19.72 -7.12
C LEU B 154 1.94 -18.47 -7.82
N TYR B 155 2.86 -17.63 -8.29
CA TYR B 155 2.50 -16.38 -8.93
C TYR B 155 2.36 -16.61 -10.42
N PRO B 156 1.20 -16.36 -11.02
CA PRO B 156 1.06 -16.56 -12.48
C PRO B 156 1.71 -15.42 -13.26
N ARG B 157 2.11 -15.73 -14.52
CA ARG B 157 2.67 -14.68 -15.38
C ARG B 157 1.54 -13.76 -15.83
N ILE B 158 1.85 -12.48 -15.96
CA ILE B 158 0.85 -11.54 -16.48
C ILE B 158 0.75 -11.74 -17.99
N ALA B 159 -0.48 -11.90 -18.47
CA ALA B 159 -0.72 -12.15 -19.90
C ALA B 159 -0.05 -11.08 -20.75
N ASP B 160 0.83 -11.50 -21.65
CA ASP B 160 1.51 -10.53 -22.49
C ASP B 160 0.51 -9.77 -23.35
N GLY B 161 0.71 -8.46 -23.45
CA GLY B 161 -0.29 -7.56 -23.97
C GLY B 161 -1.16 -6.93 -22.90
N THR B 162 -1.18 -7.49 -21.69
CA THR B 162 -1.92 -6.92 -20.57
C THR B 162 -1.02 -6.01 -19.76
N HIS B 163 -1.56 -4.85 -19.39
CA HIS B 163 -0.91 -3.92 -18.47
C HIS B 163 -1.66 -3.94 -17.15
N LYS B 164 -1.06 -4.59 -16.14
CA LYS B 164 -1.53 -4.51 -14.77
C LYS B 164 -0.30 -4.45 -13.86
N SER B 165 -0.51 -4.02 -12.61
CA SER B 165 0.65 -3.88 -11.73
C SER B 165 1.14 -5.21 -11.20
N GLY B 166 0.23 -6.16 -10.99
CA GLY B 166 0.57 -7.36 -10.25
C GLY B 166 0.98 -7.14 -8.82
N GLU B 167 0.59 -6.00 -8.22
CA GLU B 167 1.05 -5.62 -6.91
C GLU B 167 0.07 -6.10 -5.84
N SER B 168 0.60 -6.40 -4.65
N SER B 168 0.60 -6.37 -4.65
CA SER B 168 -0.19 -6.81 -3.51
CA SER B 168 -0.18 -6.81 -3.51
C SER B 168 -0.51 -5.63 -2.61
C SER B 168 -0.48 -5.64 -2.57
N PRO B 169 -1.50 -5.75 -1.71
CA PRO B 169 -1.74 -4.68 -0.73
C PRO B 169 -0.56 -4.44 0.20
N THR B 170 0.38 -5.38 0.31
CA THR B 170 1.57 -5.17 1.13
C THR B 170 2.75 -4.58 0.37
N HIS B 171 2.59 -4.27 -0.92
CA HIS B 171 3.62 -3.69 -1.77
C HIS B 171 4.80 -4.64 -1.96
N PHE B 172 4.57 -5.94 -1.78
CA PHE B 172 5.66 -6.91 -1.82
C PHE B 172 6.39 -6.91 -3.16
N LYS B 173 5.67 -6.74 -4.28
CA LYS B 173 6.34 -6.83 -5.58
C LYS B 173 7.36 -5.70 -5.76
N ALA B 174 6.92 -4.46 -5.56
CA ALA B 174 7.83 -3.32 -5.63
C ALA B 174 8.94 -3.44 -4.60
N ASP B 175 8.63 -3.93 -3.39
CA ASP B 175 9.64 -3.98 -2.34
C ASP B 175 10.69 -5.05 -2.65
N LEU B 176 10.28 -6.20 -3.21
CA LEU B 176 11.25 -7.21 -3.61
C LEU B 176 12.14 -6.70 -4.73
N ILE B 177 11.55 -6.01 -5.72
CA ILE B 177 12.36 -5.43 -6.79
C ILE B 177 13.32 -4.40 -6.23
N SER B 178 12.87 -3.56 -5.30
N SER B 178 12.85 -3.56 -5.30
CA SER B 178 13.76 -2.58 -4.69
CA SER B 178 13.74 -2.58 -4.67
C SER B 178 14.92 -3.26 -3.98
C SER B 178 14.91 -3.26 -3.97
N TYR B 179 14.64 -4.36 -3.27
CA TYR B 179 15.70 -5.09 -2.58
C TYR B 179 16.74 -5.59 -3.58
N LEU B 180 16.28 -6.18 -4.68
CA LEU B 180 17.22 -6.69 -5.69
C LEU B 180 17.95 -5.56 -6.43
N MET B 181 17.30 -4.41 -6.61
N MET B 181 17.30 -4.41 -6.61
CA MET B 181 17.96 -3.32 -7.33
CA MET B 181 17.94 -3.31 -7.31
C MET B 181 19.18 -2.82 -6.57
C MET B 181 19.16 -2.80 -6.56
N ALA B 182 19.16 -2.92 -5.23
CA ALA B 182 20.26 -2.44 -4.42
C ALA B 182 21.56 -3.20 -4.68
N TYR B 183 21.50 -4.40 -5.26
CA TYR B 183 22.71 -5.15 -5.59
C TYR B 183 23.45 -4.53 -6.78
N ASN B 184 22.73 -3.85 -7.66
CA ASN B 184 23.30 -3.27 -8.88
C ASN B 184 24.06 -4.33 -9.68
N ALA B 185 23.42 -5.48 -9.86
CA ALA B 185 24.04 -6.65 -10.45
C ALA B 185 23.31 -7.04 -11.73
N PRO B 186 24.03 -7.28 -12.83
CA PRO B 186 23.33 -7.62 -14.09
C PRO B 186 22.58 -8.94 -14.02
N SER B 187 23.09 -9.94 -13.30
CA SER B 187 22.35 -11.20 -13.20
C SER B 187 21.04 -11.02 -12.44
N LEU B 188 20.98 -10.07 -11.52
CA LEU B 188 19.76 -9.82 -10.76
C LEU B 188 18.80 -8.90 -11.48
N LYS B 189 19.29 -8.03 -12.37
CA LYS B 189 18.36 -7.28 -13.21
C LYS B 189 17.53 -8.24 -14.07
N GLU B 190 18.12 -9.36 -14.50
CA GLU B 190 17.35 -10.37 -15.22
C GLU B 190 16.22 -10.94 -14.37
N TRP B 191 16.48 -11.17 -13.07
CA TRP B 191 15.41 -11.68 -12.21
C TRP B 191 14.39 -10.60 -11.90
N ILE B 192 14.82 -9.33 -11.83
CA ILE B 192 13.88 -8.22 -11.70
C ILE B 192 12.89 -8.22 -12.86
N ASP B 193 13.40 -8.44 -14.07
CA ASP B 193 12.53 -8.46 -15.24
C ASP B 193 11.55 -9.63 -15.21
N VAL B 194 11.99 -10.77 -14.68
CA VAL B 194 11.09 -11.89 -14.47
C VAL B 194 9.99 -11.51 -13.49
N ILE B 195 10.36 -10.92 -12.36
CA ILE B 195 9.36 -10.55 -11.36
C ILE B 195 8.35 -9.57 -11.95
N HIS B 196 8.82 -8.59 -12.73
CA HIS B 196 7.92 -7.62 -13.37
C HIS B 196 6.82 -8.31 -14.17
N LYS B 197 7.13 -9.43 -14.79
CA LYS B 197 6.19 -10.14 -15.64
C LYS B 197 5.20 -11.01 -14.88
N HIS B 198 5.28 -11.10 -13.54
CA HIS B 198 4.38 -11.97 -12.80
C HIS B 198 3.46 -11.18 -11.88
N ASP B 199 2.36 -11.83 -11.51
CA ASP B 199 1.30 -11.25 -10.69
C ASP B 199 1.52 -11.70 -9.25
N LEU B 200 2.01 -10.80 -8.40
CA LEU B 200 2.28 -11.11 -7.00
C LEU B 200 1.19 -10.58 -6.07
N SER B 201 0.00 -10.30 -6.60
CA SER B 201 -1.05 -9.62 -5.84
C SER B 201 -1.58 -10.42 -4.66
N GLU B 202 -1.43 -11.74 -4.65
CA GLU B 202 -1.94 -12.56 -3.56
C GLU B 202 -1.08 -12.50 -2.30
N THR B 203 0.07 -11.82 -2.35
CA THR B 203 1.02 -11.85 -1.24
C THR B 203 0.47 -11.08 -0.04
N ASN B 204 0.51 -11.72 1.12
N ASN B 204 0.50 -11.69 1.14
CA ASN B 204 -0.07 -11.14 2.34
CA ASN B 204 -0.05 -11.01 2.31
C ASN B 204 0.98 -10.81 3.40
C ASN B 204 0.99 -10.85 3.42
N VAL B 205 2.27 -10.92 3.08
CA VAL B 205 3.35 -10.57 4.01
C VAL B 205 4.04 -9.31 3.51
N TYR B 206 4.69 -8.60 4.44
CA TYR B 206 5.52 -7.46 4.11
C TYR B 206 6.99 -7.87 4.09
N LEU B 207 7.74 -7.33 3.14
CA LEU B 207 9.17 -7.61 3.04
C LEU B 207 9.95 -6.68 3.95
N ILE B 208 10.88 -7.22 4.75
CA ILE B 208 11.77 -6.40 5.56
C ILE B 208 13.20 -6.79 5.21
N GLY B 209 13.88 -5.92 4.48
CA GLY B 209 15.23 -6.20 4.08
C GLY B 209 16.25 -5.25 4.68
N SER B 210 17.50 -5.70 4.67
CA SER B 210 18.66 -4.86 4.96
C SER B 210 19.59 -4.95 3.77
N THR B 211 20.22 -3.83 3.44
N THR B 211 20.20 -3.82 3.41
CA THR B 211 21.25 -3.76 2.41
CA THR B 211 21.26 -3.78 2.42
C THR B 211 22.35 -2.83 2.92
C THR B 211 22.34 -2.85 2.93
N PRO B 212 23.60 -3.07 2.52
CA PRO B 212 24.69 -2.23 3.05
C PRO B 212 24.58 -0.79 2.58
N GLY B 213 24.82 0.14 3.48
CA GLY B 213 24.87 1.53 3.08
C GLY B 213 24.69 2.48 4.25
N ARG B 214 24.69 3.76 3.89
N ARG B 214 24.69 3.76 3.89
CA ARG B 214 24.44 4.85 4.82
CA ARG B 214 24.44 4.85 4.82
C ARG B 214 23.25 5.65 4.27
C ARG B 214 23.25 5.63 4.26
N PHE B 215 22.13 5.56 4.96
CA PHE B 215 20.86 6.08 4.45
C PHE B 215 20.41 7.29 5.27
N GLN B 216 19.99 8.33 4.56
CA GLN B 216 19.54 9.56 5.20
C GLN B 216 18.18 9.95 4.64
N GLY B 217 17.53 10.87 5.33
CA GLY B 217 16.24 11.37 4.88
C GLY B 217 15.22 10.26 4.83
N SER B 218 14.42 10.26 3.76
CA SER B 218 13.37 9.25 3.61
C SER B 218 13.96 7.86 3.50
N GLN B 219 15.09 7.72 2.82
CA GLN B 219 15.69 6.41 2.58
C GLN B 219 15.99 5.66 3.87
N LYS B 220 16.05 6.36 5.01
CA LYS B 220 16.22 5.69 6.29
C LYS B 220 15.14 4.65 6.53
N ASP B 221 13.91 4.90 6.08
CA ASP B 221 12.80 3.99 6.34
C ASP B 221 12.78 2.78 5.42
N ASN B 222 13.74 2.65 4.51
CA ASN B 222 13.70 1.57 3.54
C ASN B 222 14.18 0.23 4.11
N TRP B 223 15.01 0.25 5.15
CA TRP B 223 15.78 -0.92 5.50
C TRP B 223 15.88 -1.08 7.02
N GLY B 224 16.17 -2.32 7.43
CA GLY B 224 16.53 -2.59 8.81
C GLY B 224 15.43 -2.25 9.80
N HIS B 225 15.83 -1.80 10.99
CA HIS B 225 14.84 -1.62 12.04
C HIS B 225 13.97 -0.39 11.80
N PHE B 226 14.44 0.57 11.00
CA PHE B 226 13.57 1.69 10.63
C PHE B 226 12.48 1.25 9.65
N ARG B 227 12.78 0.26 8.80
CA ARG B 227 11.74 -0.31 7.95
C ARG B 227 10.67 -1.00 8.78
N LEU B 228 11.09 -1.78 9.77
CA LEU B 228 10.12 -2.40 10.68
C LEU B 228 9.30 -1.32 11.39
N LYS B 229 9.96 -0.28 11.89
CA LYS B 229 9.24 0.79 12.59
C LYS B 229 8.19 1.43 11.70
N LYS B 230 8.53 1.70 10.44
CA LYS B 230 7.59 2.36 9.54
C LYS B 230 6.39 1.47 9.24
N LEU B 231 6.62 0.16 9.05
CA LEU B 231 5.50 -0.75 8.81
C LEU B 231 4.58 -0.83 10.03
N LEU B 232 5.16 -0.87 11.23
CA LEU B 232 4.35 -0.97 12.44
C LEU B 232 3.55 0.30 12.66
N LYS B 233 4.13 1.45 12.33
CA LYS B 233 3.41 2.71 12.47
C LYS B 233 2.25 2.77 11.49
N ASP B 234 2.46 2.34 10.25
CA ASP B 234 1.48 2.52 9.20
C ASP B 234 0.41 1.42 9.18
N HIS B 235 0.73 0.21 9.67
CA HIS B 235 -0.14 -0.95 9.45
C HIS B 235 -0.46 -1.73 10.70
N ALA B 236 -0.07 -1.25 11.87
CA ALA B 236 -0.51 -1.82 13.13
C ALA B 236 -1.21 -0.73 13.93
N SER B 237 -2.01 -1.15 14.91
CA SER B 237 -2.70 -0.22 15.80
C SER B 237 -2.25 -0.46 17.23
N SER B 238 -2.20 0.61 18.01
CA SER B 238 -1.86 0.51 19.42
C SER B 238 -3.10 0.14 20.23
N MET B 239 -2.93 -0.79 21.15
CA MET B 239 -3.99 -1.25 22.01
C MET B 239 -3.86 -0.65 23.40
N PRO B 240 -4.92 -0.69 24.21
CA PRO B 240 -4.78 -0.26 25.60
C PRO B 240 -3.75 -1.13 26.31
N ASN B 241 -2.97 -0.50 27.18
CA ASN B 241 -1.97 -1.21 27.98
C ASN B 241 -0.91 -1.84 27.09
N ALA B 242 -0.58 -1.14 25.99
CA ALA B 242 0.43 -1.64 25.06
C ALA B 242 1.79 -1.79 25.71
N GLU B 243 2.11 -0.94 26.69
CA GLU B 243 3.39 -1.05 27.38
C GLU B 243 3.53 -2.37 28.15
N SER B 244 2.45 -3.12 28.29
CA SER B 244 2.48 -4.43 28.92
C SER B 244 2.71 -5.57 27.94
N TRP B 245 2.63 -5.31 26.63
CA TRP B 245 2.89 -6.33 25.62
C TRP B 245 4.38 -6.45 25.40
N PRO B 246 5.00 -7.59 25.75
CA PRO B 246 6.45 -7.74 25.60
C PRO B 246 6.89 -7.76 24.14
N VAL B 247 8.19 -7.56 23.97
CA VAL B 247 8.89 -7.83 22.71
C VAL B 247 9.73 -9.08 22.92
N VAL B 248 9.68 -10.00 21.97
CA VAL B 248 10.49 -11.22 22.00
C VAL B 248 11.40 -11.23 20.79
N GLY B 249 12.70 -11.41 21.01
CA GLY B 249 13.66 -11.62 19.94
C GLY B 249 14.36 -12.95 20.13
N GLN B 250 14.59 -13.66 19.02
CA GLN B 250 15.09 -15.03 19.07
C GLN B 250 16.06 -15.20 17.91
N PHE B 251 17.30 -15.64 18.18
CA PHE B 251 18.38 -15.50 17.19
C PHE B 251 19.46 -16.54 17.44
N SER B 252 20.41 -16.64 16.49
CA SER B 252 21.49 -17.61 16.60
C SER B 252 22.87 -16.97 16.79
N SER B 253 22.95 -15.64 16.82
CA SER B 253 24.23 -14.97 17.03
C SER B 253 23.96 -13.58 17.57
N VAL B 254 24.98 -13.03 18.24
CA VAL B 254 24.90 -11.72 18.89
C VAL B 254 26.12 -10.92 18.49
N GLY B 255 25.92 -9.67 18.10
CA GLY B 255 27.02 -8.76 17.83
C GLY B 255 27.36 -7.92 19.04
N SER B 256 28.30 -7.00 18.84
N SER B 256 28.30 -7.00 18.84
CA SER B 256 28.70 -6.05 19.89
CA SER B 256 28.69 -6.05 19.88
C SER B 256 27.65 -4.94 19.96
C SER B 256 27.64 -4.94 19.95
N LEU B 257 26.94 -4.87 21.08
CA LEU B 257 25.83 -3.92 21.23
C LEU B 257 26.19 -2.66 22.01
N GLY B 258 27.34 -2.63 22.67
CA GLY B 258 27.76 -1.47 23.42
C GLY B 258 27.94 -1.78 24.90
N ALA B 259 28.41 -0.75 25.63
CA ALA B 259 28.77 -0.94 27.04
C ALA B 259 27.55 -1.05 27.95
N ASP B 260 26.37 -0.65 27.49
CA ASP B 260 25.15 -0.84 28.28
C ASP B 260 23.97 -0.79 27.33
N GLU B 261 22.79 -1.09 27.87
CA GLU B 261 21.60 -1.22 27.02
C GLU B 261 21.20 0.09 26.35
N SER B 262 21.59 1.23 26.91
CA SER B 262 21.18 2.52 26.35
C SER B 262 21.92 2.88 25.07
N LYS B 263 23.00 2.17 24.74
CA LYS B 263 23.79 2.54 23.57
C LYS B 263 23.09 2.17 22.27
N TRP B 264 22.31 1.09 22.27
CA TRP B 264 21.62 0.70 21.04
C TRP B 264 20.43 -0.22 21.29
N LEU B 265 20.58 -1.19 22.20
CA LEU B 265 19.57 -2.23 22.36
C LEU B 265 18.22 -1.65 22.75
N CYS B 266 18.18 -0.88 23.82
CA CYS B 266 16.91 -0.32 24.25
C CYS B 266 16.64 1.06 23.69
N SER B 267 17.68 1.79 23.29
CA SER B 267 17.48 3.16 22.82
C SER B 267 16.89 3.18 21.41
N GLU B 268 17.41 2.37 20.49
CA GLU B 268 16.88 2.42 19.14
C GLU B 268 16.35 1.10 18.61
N PHE B 269 16.92 -0.04 18.98
CA PHE B 269 16.38 -1.33 18.52
C PHE B 269 15.02 -1.61 19.15
N LYS B 270 14.97 -1.60 20.49
CA LYS B 270 13.71 -1.85 21.17
C LYS B 270 12.68 -0.76 20.83
N GLU B 271 13.13 0.47 20.67
CA GLU B 271 12.25 1.57 20.31
C GLU B 271 11.47 1.29 19.03
N SER B 272 12.17 0.83 17.97
CA SER B 272 11.46 0.46 16.75
C SER B 272 10.55 -0.73 16.97
N MET B 273 11.00 -1.71 17.77
CA MET B 273 10.22 -2.93 17.98
C MET B 273 8.94 -2.68 18.77
N LEU B 274 8.91 -1.65 19.63
N LEU B 274 8.90 -1.66 19.63
CA LEU B 274 7.72 -1.36 20.42
CA LEU B 274 7.69 -1.41 20.41
C LEU B 274 6.64 -0.63 19.62
C LEU B 274 6.72 -0.46 19.72
N THR B 275 7.03 -0.03 18.49
CA THR B 275 6.12 0.87 17.78
C THR B 275 4.83 0.16 17.39
N LEU B 276 3.71 0.88 17.59
CA LEU B 276 2.41 0.44 17.12
C LEU B 276 1.60 1.70 16.80
N GLY B 277 1.14 1.81 15.56
CA GLY B 277 0.27 2.90 15.19
C GLY B 277 1.02 4.21 15.01
N LYS B 278 0.25 5.27 14.77
CA LYS B 278 0.79 6.53 14.27
C LYS B 278 0.89 7.63 15.31
N GLU B 279 0.51 7.38 16.57
CA GLU B 279 0.62 8.43 17.56
C GLU B 279 2.04 8.49 18.10
N SER B 280 2.31 9.48 18.96
CA SER B 280 3.65 9.73 19.46
C SER B 280 3.91 8.99 20.75
N SER B 286 11.10 3.48 28.48
CA SER B 286 10.04 2.50 28.25
C SER B 286 10.10 1.35 29.24
N SER B 287 8.92 0.90 29.67
CA SER B 287 8.81 -0.22 30.60
C SER B 287 8.42 -1.52 29.90
N VAL B 288 8.46 -1.55 28.57
CA VAL B 288 8.05 -2.76 27.85
C VAL B 288 9.07 -3.87 28.12
N PRO B 289 8.63 -5.05 28.55
CA PRO B 289 9.58 -6.14 28.78
C PRO B 289 10.19 -6.63 27.47
N LEU B 290 11.48 -6.97 27.52
CA LEU B 290 12.22 -7.47 26.38
C LEU B 290 12.77 -8.86 26.72
N TYR B 291 12.33 -9.87 25.98
CA TYR B 291 12.75 -11.26 26.15
C TYR B 291 13.65 -11.64 24.98
N LEU B 292 14.87 -12.04 25.27
CA LEU B 292 15.79 -12.49 24.23
C LEU B 292 16.02 -13.98 24.43
N ILE B 293 15.80 -14.75 23.36
CA ILE B 293 15.91 -16.22 23.43
C ILE B 293 17.17 -16.62 22.69
N TYR B 294 18.09 -17.27 23.40
CA TYR B 294 19.38 -17.68 22.86
C TYR B 294 19.85 -18.93 23.62
N PRO B 295 20.32 -19.97 22.93
CA PRO B 295 20.66 -21.23 23.62
C PRO B 295 21.71 -21.05 24.71
N SER B 296 21.42 -21.63 25.88
CA SER B 296 22.42 -21.78 26.91
C SER B 296 23.42 -22.87 26.54
N VAL B 297 24.53 -22.91 27.28
CA VAL B 297 25.48 -24.01 27.13
C VAL B 297 24.79 -25.34 27.33
N GLU B 298 23.93 -25.44 28.34
N GLU B 298 23.93 -25.43 28.35
CA GLU B 298 23.24 -26.70 28.61
CA GLU B 298 23.23 -26.69 28.62
C GLU B 298 22.30 -27.08 27.47
C GLU B 298 22.31 -27.07 27.47
N ASN B 299 21.62 -26.09 26.88
CA ASN B 299 20.77 -26.36 25.71
C ASN B 299 21.59 -27.02 24.60
N VAL B 300 22.78 -26.48 24.34
CA VAL B 300 23.63 -27.03 23.28
C VAL B 300 24.16 -28.39 23.67
N ARG B 301 24.64 -28.54 24.92
CA ARG B 301 25.27 -29.78 25.34
C ARG B 301 24.35 -30.97 25.17
N THR B 302 23.07 -30.82 25.48
CA THR B 302 22.14 -31.94 25.43
C THR B 302 21.31 -31.97 24.15
N SER B 303 21.72 -31.23 23.12
CA SER B 303 20.95 -31.17 21.89
C SER B 303 21.15 -32.45 21.07
N LEU B 304 20.39 -32.57 19.98
CA LEU B 304 20.53 -33.73 19.11
C LEU B 304 21.95 -33.83 18.55
N GLU B 305 22.56 -32.69 18.25
CA GLU B 305 23.91 -32.66 17.71
C GLU B 305 25.00 -32.64 18.77
N GLY B 306 24.65 -32.27 20.01
CA GLY B 306 25.66 -32.02 21.00
C GLY B 306 26.39 -30.71 20.75
N TYR B 307 27.59 -30.61 21.31
CA TYR B 307 28.37 -29.39 21.18
C TYR B 307 28.57 -28.91 19.74
N PRO B 308 28.70 -29.77 18.73
CA PRO B 308 28.83 -29.26 17.37
C PRO B 308 27.67 -28.39 16.89
N ALA B 309 26.49 -28.48 17.51
CA ALA B 309 25.46 -27.48 17.17
C ALA B 309 25.96 -26.07 17.43
N GLY B 310 26.87 -25.90 18.38
CA GLY B 310 27.41 -24.61 18.70
C GLY B 310 28.32 -24.02 17.64
N GLY B 311 28.74 -24.82 16.67
CA GLY B 311 29.43 -24.25 15.52
C GLY B 311 28.57 -23.34 14.67
N SER B 312 27.24 -23.44 14.81
CA SER B 312 26.31 -22.55 14.13
C SER B 312 25.65 -21.55 15.08
N LEU B 313 26.28 -21.31 16.23
CA LEU B 313 25.83 -20.30 17.20
C LEU B 313 27.02 -19.41 17.51
N PRO B 314 27.41 -18.53 16.57
CA PRO B 314 28.72 -17.88 16.66
C PRO B 314 28.76 -16.60 17.50
N TYR B 315 28.65 -16.77 18.81
CA TYR B 315 28.84 -15.71 19.80
C TYR B 315 30.24 -15.86 20.39
N SER B 316 31.07 -14.86 20.20
CA SER B 316 32.48 -14.96 20.58
C SER B 316 32.72 -14.43 21.98
N ILE B 317 33.73 -14.99 22.65
CA ILE B 317 34.03 -14.55 24.01
C ILE B 317 34.50 -13.10 24.00
N GLN B 318 35.19 -12.69 22.95
CA GLN B 318 35.65 -11.31 22.84
C GLN B 318 34.46 -10.34 22.86
N THR B 319 33.41 -10.67 22.11
CA THR B 319 32.19 -9.84 22.14
C THR B 319 31.48 -9.94 23.47
N ALA B 320 31.31 -11.16 23.98
CA ALA B 320 30.47 -11.38 25.15
C ALA B 320 31.03 -10.69 26.39
N GLU B 321 32.34 -10.76 26.59
CA GLU B 321 32.92 -10.20 27.81
C GLU B 321 32.79 -8.69 27.87
N LYS B 322 32.50 -8.04 26.74
CA LYS B 322 32.29 -6.60 26.69
C LYS B 322 30.88 -6.19 27.08
N GLN B 323 29.96 -7.14 27.23
CA GLN B 323 28.56 -6.80 27.38
C GLN B 323 27.84 -7.81 28.28
N ASN B 324 28.45 -8.13 29.42
CA ASN B 324 27.78 -9.06 30.33
C ASN B 324 26.42 -8.54 30.81
N TRP B 325 26.20 -7.22 30.75
CA TRP B 325 24.87 -6.68 31.07
C TRP B 325 23.77 -7.33 30.23
N LEU B 326 24.10 -7.75 29.00
CA LEU B 326 23.09 -8.27 28.09
C LEU B 326 22.50 -9.60 28.57
N HIS B 327 23.29 -10.40 29.27
CA HIS B 327 22.87 -11.77 29.52
C HIS B 327 21.74 -11.87 30.53
N SER B 328 21.45 -10.81 31.28
N SER B 328 21.45 -10.81 31.28
CA SER B 328 20.27 -10.79 32.15
CA SER B 328 20.26 -10.80 32.14
C SER B 328 18.97 -10.80 31.35
C SER B 328 18.96 -10.76 31.36
N TYR B 329 19.03 -10.52 30.05
CA TYR B 329 17.86 -10.59 29.18
C TYR B 329 17.63 -11.97 28.58
N PHE B 330 18.55 -12.91 28.78
CA PHE B 330 18.57 -14.14 27.99
C PHE B 330 17.66 -15.20 28.59
N HIS B 331 16.93 -15.89 27.71
CA HIS B 331 16.03 -16.97 28.03
C HIS B 331 16.41 -18.22 27.23
N LYS B 332 16.14 -19.38 27.81
CA LYS B 332 16.50 -20.67 27.24
C LYS B 332 15.74 -20.94 25.96
N TRP B 333 16.33 -21.80 25.12
CA TRP B 333 15.60 -22.37 23.99
C TRP B 333 14.72 -23.52 24.49
N SER B 334 13.43 -23.43 24.20
CA SER B 334 12.48 -24.48 24.54
C SER B 334 11.43 -24.54 23.43
N ALA B 335 11.15 -25.73 22.92
CA ALA B 335 10.24 -25.85 21.78
C ALA B 335 9.45 -27.15 21.86
N GLU B 336 8.90 -27.44 23.04
CA GLU B 336 8.04 -28.61 23.20
C GLU B 336 6.87 -28.58 22.23
N THR B 337 6.35 -27.38 21.92
CA THR B 337 5.21 -27.24 21.03
C THR B 337 5.45 -27.86 19.65
N SER B 338 6.70 -27.86 19.18
CA SER B 338 7.04 -28.43 17.89
C SER B 338 8.00 -29.62 18.01
N GLY B 339 8.17 -30.15 19.22
CA GLY B 339 9.08 -31.27 19.43
C GLY B 339 10.53 -30.97 19.16
N ARG B 340 10.94 -29.70 19.28
CA ARG B 340 12.24 -29.25 18.80
C ARG B 340 13.12 -28.64 19.90
N SER B 341 12.86 -28.98 21.16
CA SER B 341 13.70 -28.46 22.24
C SER B 341 15.16 -28.87 22.07
N ASN B 342 15.43 -30.01 21.45
CA ASN B 342 16.79 -30.47 21.23
C ASN B 342 17.32 -30.19 19.83
N ALA B 343 16.54 -29.50 18.99
CA ALA B 343 16.98 -29.09 17.66
C ALA B 343 17.38 -27.62 17.76
N MET B 344 18.68 -27.36 17.81
CA MET B 344 19.12 -26.00 18.12
C MET B 344 18.65 -25.02 17.05
N PRO B 345 18.32 -23.79 17.45
CA PRO B 345 17.73 -22.84 16.50
C PRO B 345 18.79 -22.19 15.61
N HIS B 346 18.54 -22.22 14.31
CA HIS B 346 19.18 -21.31 13.38
C HIS B 346 18.17 -20.36 12.75
N ILE B 347 16.87 -20.61 12.96
CA ILE B 347 15.83 -19.63 12.67
C ILE B 347 16.08 -18.36 13.49
N LYS B 348 15.62 -17.22 12.95
CA LYS B 348 15.54 -15.97 13.71
C LYS B 348 14.13 -15.45 13.63
N THR B 349 13.58 -15.05 14.78
CA THR B 349 12.21 -14.55 14.82
C THR B 349 12.11 -13.42 15.83
N TYR B 350 11.16 -12.50 15.57
CA TYR B 350 10.84 -11.40 16.47
C TYR B 350 9.32 -11.26 16.49
N MET B 351 8.76 -10.96 17.66
CA MET B 351 7.31 -10.89 17.74
C MET B 351 6.89 -10.07 18.95
N ARG B 352 5.59 -9.76 18.99
CA ARG B 352 5.01 -8.89 20.01
C ARG B 352 3.82 -9.58 20.66
N PRO B 353 4.06 -10.42 21.66
CA PRO B 353 2.96 -11.13 22.33
C PRO B 353 2.18 -10.24 23.28
N SER B 354 0.99 -10.72 23.63
CA SER B 354 0.16 -10.10 24.66
C SER B 354 0.76 -10.41 26.03
N PRO B 355 0.32 -9.72 27.09
CA PRO B 355 0.94 -9.96 28.40
C PRO B 355 0.83 -11.39 28.89
N ASP B 356 -0.21 -12.13 28.49
CA ASP B 356 -0.34 -13.53 28.85
C ASP B 356 0.09 -14.48 27.74
N PHE B 357 0.70 -13.96 26.68
CA PHE B 357 1.28 -14.75 25.58
C PHE B 357 0.25 -15.58 24.82
N SER B 358 -1.02 -15.20 24.91
CA SER B 358 -2.07 -15.94 24.20
C SER B 358 -2.34 -15.39 22.81
N LYS B 359 -1.89 -14.16 22.54
CA LYS B 359 -2.08 -13.47 21.28
C LYS B 359 -0.77 -12.83 20.87
N ILE B 360 -0.64 -12.50 19.58
CA ILE B 360 0.51 -11.71 19.11
C ILE B 360 0.03 -10.60 18.18
N ALA B 361 0.68 -9.44 18.28
CA ALA B 361 0.38 -8.30 17.42
C ALA B 361 1.06 -8.38 16.07
N TRP B 362 2.12 -9.18 15.93
CA TRP B 362 2.84 -9.38 14.67
C TRP B 362 3.92 -10.42 14.91
N PHE B 363 4.43 -10.96 13.80
CA PHE B 363 5.48 -11.98 13.84
C PHE B 363 6.38 -11.74 12.64
N LEU B 364 7.68 -11.84 12.86
CA LEU B 364 8.70 -11.67 11.82
C LEU B 364 9.62 -12.89 11.81
N VAL B 365 9.83 -13.49 10.64
CA VAL B 365 10.88 -14.48 10.44
C VAL B 365 11.90 -13.88 9.49
N THR B 366 13.18 -14.01 9.83
CA THR B 366 14.20 -13.26 9.11
C THR B 366 15.54 -13.97 9.24
N SER B 367 16.50 -13.51 8.43
CA SER B 367 17.88 -13.90 8.61
C SER B 367 18.60 -13.06 9.65
N ALA B 368 18.02 -11.95 10.10
CA ALA B 368 18.74 -10.97 10.93
C ALA B 368 18.89 -11.46 12.36
N ASN B 369 20.15 -11.59 12.81
CA ASN B 369 20.51 -11.85 14.19
C ASN B 369 20.49 -10.56 15.01
N LEU B 370 20.85 -10.66 16.28
CA LEU B 370 20.82 -9.49 17.16
C LEU B 370 22.12 -8.73 17.01
N SER B 371 22.16 -7.86 16.00
CA SER B 371 23.39 -7.14 15.69
C SER B 371 23.08 -5.84 14.97
N LYS B 372 23.90 -4.82 15.27
CA LYS B 372 23.80 -3.55 14.56
C LYS B 372 24.14 -3.70 13.08
N ALA B 373 25.02 -4.64 12.73
CA ALA B 373 25.37 -4.84 11.33
C ALA B 373 24.14 -5.25 10.52
N ALA B 374 23.25 -6.05 11.12
CA ALA B 374 22.07 -6.55 10.42
C ALA B 374 20.92 -5.55 10.44
N TRP B 375 20.68 -4.91 11.58
CA TRP B 375 19.49 -4.09 11.79
C TRP B 375 19.74 -2.60 11.53
N GLY B 376 20.98 -2.17 11.59
CA GLY B 376 21.33 -0.77 11.39
C GLY B 376 21.60 -0.05 12.70
N ALA B 377 22.49 0.95 12.62
CA ALA B 377 22.84 1.80 13.75
C ALA B 377 22.92 3.24 13.26
N LEU B 378 22.37 4.16 14.05
CA LEU B 378 22.34 5.55 13.68
C LEU B 378 23.72 6.19 13.84
N GLU B 379 24.05 7.09 12.91
CA GLU B 379 25.27 7.86 12.93
C GLU B 379 24.95 9.33 12.67
N LYS B 380 25.97 10.18 12.85
CA LYS B 380 25.89 11.60 12.51
C LYS B 380 24.71 12.27 13.20
N ASN B 381 24.67 12.13 14.53
CA ASN B 381 23.62 12.70 15.37
C ASN B 381 22.22 12.32 14.87
N GLY B 382 22.06 11.03 14.57
CA GLY B 382 20.75 10.50 14.22
C GLY B 382 20.27 10.80 12.82
N THR B 383 21.13 11.34 11.95
CA THR B 383 20.72 11.68 10.60
C THR B 383 20.94 10.55 9.60
N GLN B 384 21.79 9.57 9.94
CA GLN B 384 22.22 8.55 9.01
C GLN B 384 22.04 7.18 9.65
N LEU B 385 21.47 6.23 8.90
CA LEU B 385 21.36 4.85 9.35
C LEU B 385 22.37 4.01 8.57
N MET B 386 23.32 3.43 9.29
CA MET B 386 24.36 2.62 8.67
C MET B 386 24.05 1.15 8.86
N ILE B 387 24.07 0.39 7.76
CA ILE B 387 23.86 -1.05 7.74
C ILE B 387 25.05 -1.69 7.04
N ARG B 388 25.55 -2.80 7.57
CA ARG B 388 26.72 -3.44 6.98
C ARG B 388 26.38 -4.60 6.06
N SER B 389 25.21 -5.23 6.21
CA SER B 389 24.96 -6.55 5.68
C SER B 389 23.67 -6.59 4.85
N TYR B 390 23.55 -7.66 4.05
CA TYR B 390 22.28 -8.03 3.43
C TYR B 390 21.53 -8.98 4.36
N GLU B 391 20.25 -8.66 4.62
CA GLU B 391 19.36 -9.50 5.40
C GLU B 391 17.99 -9.47 4.75
N LEU B 392 17.16 -10.48 5.02
CA LEU B 392 15.82 -10.50 4.46
C LEU B 392 14.87 -11.31 5.33
N GLY B 393 13.67 -10.77 5.55
CA GLY B 393 12.63 -11.50 6.27
C GLY B 393 11.25 -11.09 5.81
N VAL B 394 10.23 -11.76 6.37
CA VAL B 394 8.85 -11.42 6.08
C VAL B 394 8.09 -11.20 7.38
N LEU B 395 7.23 -10.18 7.35
CA LEU B 395 6.46 -9.72 8.49
C LEU B 395 4.99 -10.08 8.30
N PHE B 396 4.44 -10.76 9.29
CA PHE B 396 3.02 -11.10 9.36
C PHE B 396 2.33 -10.08 10.27
N LEU B 397 1.43 -9.29 9.70
CA LEU B 397 0.64 -8.31 10.43
C LEU B 397 -0.83 -8.71 10.39
N PRO B 398 -1.54 -8.69 11.52
CA PRO B 398 -2.96 -9.07 11.52
C PRO B 398 -3.80 -8.29 10.52
N SER B 399 -3.50 -7.00 10.31
CA SER B 399 -4.29 -6.21 9.36
C SER B 399 -4.23 -6.78 7.94
N ALA B 400 -3.13 -7.43 7.56
CA ALA B 400 -3.01 -7.99 6.22
C ALA B 400 -3.87 -9.23 6.04
N PHE B 401 -4.41 -9.75 7.13
CA PHE B 401 -5.28 -10.93 7.13
C PHE B 401 -6.69 -10.59 7.59
N GLY B 402 -7.03 -9.32 7.73
CA GLY B 402 -8.36 -8.93 8.20
C GLY B 402 -8.57 -9.15 9.68
N LEU B 403 -7.51 -9.12 10.48
CA LEU B 403 -7.57 -9.44 11.89
C LEU B 403 -7.00 -8.30 12.71
N ASP B 404 -7.39 -8.26 14.00
CA ASP B 404 -6.80 -7.34 14.95
C ASP B 404 -5.56 -7.90 15.63
N SER B 405 -5.49 -9.23 15.80
CA SER B 405 -4.35 -9.92 16.39
C SER B 405 -4.38 -11.37 15.89
N PHE B 406 -3.27 -12.08 16.12
CA PHE B 406 -3.24 -13.52 15.88
C PHE B 406 -3.35 -14.26 17.20
N LYS B 407 -4.18 -15.30 17.23
CA LYS B 407 -4.11 -16.27 18.32
C LYS B 407 -2.88 -17.13 18.17
N VAL B 408 -2.25 -17.48 19.28
CA VAL B 408 -1.08 -18.36 19.23
C VAL B 408 -1.55 -19.81 19.15
N LYS B 409 -1.04 -20.55 18.16
CA LYS B 409 -1.38 -21.96 18.01
C LYS B 409 -0.83 -22.77 19.18
N GLN B 410 -1.69 -23.58 19.79
CA GLN B 410 -1.33 -24.25 21.03
C GLN B 410 -0.29 -25.32 20.80
N LYS B 411 -0.50 -26.19 19.82
CA LYS B 411 0.50 -27.17 19.41
C LYS B 411 0.81 -26.93 17.93
N PHE B 412 2.10 -26.82 17.62
CA PHE B 412 2.53 -26.33 16.31
C PHE B 412 1.99 -27.19 15.17
N PHE B 413 1.94 -28.51 15.36
CA PHE B 413 1.51 -29.44 14.33
C PHE B 413 0.10 -29.97 14.54
N ALA B 414 -0.66 -29.37 15.46
CA ALA B 414 -2.04 -29.76 15.69
C ALA B 414 -2.98 -29.02 14.72
N GLY B 415 -4.26 -29.33 14.81
CA GLY B 415 -5.25 -28.71 13.95
C GLY B 415 -5.57 -27.28 14.32
N PRO B 419 -9.78 -22.83 14.28
CA PRO B 419 -9.75 -21.93 13.12
C PRO B 419 -8.32 -21.56 12.73
N MET B 420 -7.97 -21.73 11.45
CA MET B 420 -6.60 -21.53 11.01
C MET B 420 -6.20 -20.06 10.99
N ALA B 421 -6.90 -19.20 11.73
CA ALA B 421 -6.48 -17.84 12.00
C ALA B 421 -5.57 -17.75 13.23
N THR B 422 -4.92 -18.86 13.59
CA THR B 422 -3.99 -18.90 14.71
C THR B 422 -2.58 -19.12 14.18
N PHE B 423 -1.64 -18.39 14.72
CA PHE B 423 -0.33 -18.36 14.10
C PHE B 423 0.57 -19.43 14.72
N PRO B 424 1.29 -20.19 13.90
CA PRO B 424 2.12 -21.30 14.42
C PRO B 424 3.47 -20.82 14.93
N VAL B 425 3.48 -20.32 16.16
CA VAL B 425 4.74 -19.95 16.82
C VAL B 425 5.53 -21.22 17.12
N PRO B 426 6.78 -21.33 16.69
CA PRO B 426 7.47 -22.63 16.77
C PRO B 426 8.16 -22.97 18.07
N TYR B 427 8.18 -22.07 19.07
CA TYR B 427 8.81 -22.34 20.35
C TYR B 427 7.85 -21.97 21.46
N ASP B 428 8.22 -22.34 22.69
CA ASP B 428 7.32 -22.29 23.82
C ASP B 428 7.20 -20.88 24.41
N LEU B 429 5.99 -20.55 24.86
CA LEU B 429 5.70 -19.32 25.56
C LEU B 429 5.05 -19.66 26.90
N PRO B 430 5.36 -18.91 27.97
CA PRO B 430 6.35 -17.82 27.96
C PRO B 430 7.77 -18.37 27.91
N PRO B 431 8.71 -17.56 27.44
CA PRO B 431 10.12 -17.98 27.49
C PRO B 431 10.58 -18.10 28.94
N GLU B 432 11.52 -19.02 29.17
CA GLU B 432 12.03 -19.30 30.51
C GLU B 432 13.39 -18.65 30.69
N LEU B 433 13.53 -17.86 31.75
CA LEU B 433 14.80 -17.19 32.04
C LEU B 433 15.91 -18.21 32.31
N TYR B 434 17.12 -17.88 31.88
CA TYR B 434 18.31 -18.62 32.31
C TYR B 434 18.30 -18.79 33.82
N GLY B 435 18.69 -19.98 34.25
CA GLY B 435 18.97 -20.20 35.66
C GLY B 435 20.26 -19.54 36.07
N SER B 436 20.48 -19.50 37.38
CA SER B 436 21.61 -18.72 37.88
C SER B 436 22.94 -19.34 37.49
N LYS B 437 22.96 -20.66 37.23
CA LYS B 437 24.15 -21.37 36.75
C LYS B 437 24.24 -21.44 35.23
N ASP B 438 23.23 -21.00 34.51
CA ASP B 438 23.26 -21.03 33.07
C ASP B 438 24.17 -19.93 32.52
N ARG B 439 24.78 -20.22 31.37
CA ARG B 439 25.58 -19.24 30.65
C ARG B 439 25.20 -19.30 29.18
N PRO B 440 25.30 -18.18 28.46
CA PRO B 440 25.03 -18.23 27.02
C PRO B 440 26.06 -19.12 26.32
N TRP B 441 25.62 -19.78 25.25
CA TRP B 441 26.58 -20.49 24.43
C TRP B 441 27.58 -19.51 23.84
N ILE B 442 28.87 -19.76 24.08
CA ILE B 442 29.96 -18.97 23.52
C ILE B 442 30.85 -19.94 22.75
N TRP B 443 31.00 -19.72 21.46
CA TRP B 443 31.46 -20.82 20.60
C TRP B 443 32.96 -21.03 20.61
N ASN B 444 33.76 -20.06 21.05
CA ASN B 444 35.21 -20.18 20.92
C ASN B 444 35.92 -20.28 22.27
N ILE B 445 35.26 -20.87 23.26
CA ILE B 445 35.89 -21.29 24.51
C ILE B 445 35.63 -22.77 24.68
N PRO B 446 36.47 -23.47 25.43
CA PRO B 446 36.28 -24.93 25.59
C PRO B 446 35.24 -25.29 26.63
N TYR B 447 34.60 -26.44 26.41
CA TYR B 447 33.66 -27.04 27.35
C TYR B 447 34.14 -28.47 27.58
N VAL B 448 34.84 -28.69 28.70
CA VAL B 448 35.54 -29.94 28.96
C VAL B 448 35.11 -30.61 30.25
N LYS B 449 34.20 -30.00 31.01
CA LYS B 449 33.82 -30.56 32.30
C LYS B 449 32.66 -31.55 32.21
N ALA B 450 31.87 -31.50 31.14
CA ALA B 450 30.71 -32.36 31.01
C ALA B 450 30.57 -32.77 29.54
N PRO B 451 30.51 -34.07 29.24
CA PRO B 451 30.36 -34.49 27.86
C PRO B 451 28.96 -34.19 27.35
N ASP B 452 28.85 -34.15 26.02
CA ASP B 452 27.57 -33.84 25.38
C ASP B 452 26.82 -35.13 25.08
N THR B 453 25.74 -34.99 24.29
CA THR B 453 24.89 -36.09 23.87
C THR B 453 25.67 -37.28 23.32
N HIS B 454 26.77 -37.03 22.61
CA HIS B 454 27.54 -38.08 21.95
C HIS B 454 28.81 -38.42 22.71
N GLY B 455 28.91 -38.00 23.97
CA GLY B 455 30.06 -38.34 24.79
C GLY B 455 31.29 -37.53 24.53
N ASN B 456 31.16 -36.38 23.87
CA ASN B 456 32.28 -35.58 23.41
C ASN B 456 32.42 -34.28 24.19
N MET B 457 33.63 -33.74 24.18
N MET B 457 33.63 -33.73 24.17
CA MET B 457 33.89 -32.40 24.69
CA MET B 457 33.94 -32.41 24.67
C MET B 457 34.04 -31.43 23.51
C MET B 457 34.02 -31.43 23.50
N TRP B 458 34.07 -30.13 23.83
CA TRP B 458 34.20 -29.07 22.85
C TRP B 458 35.49 -28.32 23.08
N VAL B 459 36.40 -28.40 22.11
CA VAL B 459 37.69 -27.69 22.21
C VAL B 459 37.94 -27.00 20.88
N PRO B 460 37.63 -25.70 20.75
CA PRO B 460 37.74 -24.94 19.49
C PRO B 460 39.13 -25.00 18.85
C10 K8D C . -21.09 23.31 -6.86
C01 K8D C . -19.43 26.47 -4.24
C03 K8D C . -21.25 25.00 -5.17
C04 K8D C . -22.23 24.26 -4.52
C05 K8D C . -22.64 23.04 -5.04
C06 K8D C . -22.07 22.56 -6.23
C07 K8D C . -22.52 21.20 -6.78
C11 K8D C . -20.42 22.81 -8.15
C14 K8D C . -20.68 24.52 -6.33
N02 K8D C . -20.81 26.28 -4.64
O08 K8D C . -22.63 20.23 -5.98
O09 K8D C . -22.81 21.04 -7.98
O12 K8D C . -20.28 23.55 -9.15
O13 K8D C . -20.01 21.62 -8.18
C1 EDO D . -7.92 7.91 3.27
O1 EDO D . -8.92 8.46 2.43
C2 EDO D . -6.97 9.00 3.78
O2 EDO D . -5.66 8.41 3.87
C1 EDO E . -10.24 16.71 -2.99
O1 EDO E . -9.96 15.87 -1.87
C2 EDO E . -9.82 15.98 -4.27
O2 EDO E . -10.61 14.80 -4.47
C1 EDO F . -11.34 -6.53 7.18
O1 EDO F . -12.00 -5.55 6.37
C2 EDO F . -11.97 -7.88 6.90
O2 EDO F . -11.91 -8.13 5.49
S DMS G . -9.51 37.97 -19.86
O DMS G . -9.39 37.43 -21.25
C1 DMS G . -10.95 37.26 -19.02
C2 DMS G . -8.16 37.35 -18.82
C10 K8D H . 25.35 -16.60 10.94
C01 K8D H . 29.56 -14.12 11.32
C03 K8D H . 27.38 -15.34 11.11
C04 K8D H . 27.66 -15.62 9.79
C05 K8D H . 26.80 -16.38 9.03
C06 K8D H . 25.64 -16.88 9.61
C07 K8D H . 24.71 -17.72 8.74
C11 K8D H . 24.07 -17.11 11.61
C14 K8D H . 26.22 -15.82 11.70
N02 K8D H . 28.30 -14.54 11.90
O08 K8D H . 24.35 -18.86 9.09
O09 K8D H . 24.32 -17.24 7.64
O12 K8D H . 22.99 -16.92 11.01
O13 K8D H . 24.10 -17.69 12.71
C1 EDO I . 14.99 -7.85 9.24
O1 EDO I . 14.51 -8.67 8.17
C2 EDO I . 16.31 -7.20 8.87
O2 EDO I . 16.11 -6.25 7.81
#